data_8HPU
#
_entry.id   8HPU
#
_cell.length_a   1.00
_cell.length_b   1.00
_cell.length_c   1.00
_cell.angle_alpha   90.00
_cell.angle_beta   90.00
_cell.angle_gamma   90.00
#
_symmetry.space_group_name_H-M   'P 1'
#
loop_
_entity.id
_entity.type
_entity.pdbx_description
1 polymer "Spike protein S2'"
2 polymer 'fab L4.65'
3 polymer 'fab L4.65'
4 polymer 'fab L5.34'
5 polymer 'fab L5.34'
6 non-polymer 2-acetamido-2-deoxy-beta-D-glucopyranose
#
loop_
_entity_poly.entity_id
_entity_poly.type
_entity_poly.pdbx_seq_one_letter_code
_entity_poly.pdbx_strand_id
1 'polypeptide(L)'
;NLCPFDEVFNATRFASVYAWNRKRISNCVADYSVLYNFAPFFAFKCYGVSPTKLNDLCFTNVYADSFVIRGNEVSQIAPG
QTGNIADYNYKLPDDFTGCVIAWNSNKLDSKVGGNYNYRYRLFRKSNLKPFERDISTEIYQAGNKPCNGVAGVNCYFPLQ
SYGFRPTYGVGHQPYRVVVLSFELLHAPATVCGP
;
A
2 'polypeptide(L)'
;QITLKESGPTLVKPTQTLTLTCTFSGFSLSTSGVGVAWIRQPPGKALEWLALIYWDNDKRSSPSLNNRLTITKDTSKNQV
VLTMTNMDPEDTATYYCAHFFSHYDSSNYYYGSWFDPWGQGTLVTVSSASTKGPSVFPLAPSSKSTSGGTAALGCLVKDY
FPEPVTVSWNSGALTSGVHTFPAVLQSSGLYSLSSVVTVPSSSLGTQTYICNVNHKPSNTKVDKRVEPKSC
;
H
3 'polypeptide(L)'
;EIVLTQSPGTLSLSPGERATLSCRASQSFDSRYLGWYQQKSGQAPRLLIYGASSRATGIPDRFSGSGSGTDFTLTISRLE
PEDFAVYYCQQFGDSPFTFGQGTKLEIKRTVAAPSVFIFPPSDEQLKSGTASVVCLLNNFYPREAKVQWKVDNALQSGNS
QESVTEQDSKDSTYSLSSTLTLSKADYEKHKVYACEVTHQGLSSPVTKSFNRGEC
;
L
4 'polypeptide(L)'
;VQLVESGGGLVQPGGSLRLSCAASEITVSSNYMNWVRQAPGKGLEWVSVVYPGGSTFYTDSVKGRFTISRDNSKNTLYLQ
MNSLRAEDTAVYYCARESGGFPLAEGAFDIWGQGTMVTVSSASTKGPSVFPLAPSSKSTSGGTAALGCLVKDYFPEPVTV
SWNSGALTSGVHTFPAVLQSSGLYSLSSVVTVPSSSLGTQTYICNVNHKPSNTKVDKRVEPKSC
;
M
5 'polypeptide(L)'
;DIQMTQSPSSLSASVGDRVSITCRASQSISTHLHWYQQKPGKAPKLLISAASTLQSGVPSRFSGSGSGTDFTLTITSLQP
EDFATYYCQQSYSTPRGLSFGGGTKVEIKRTVAAPSVFIFPPSDEQLKSGTASVVCLLNNFYPREAKVQWKVDNALQSGN
SQESVTEQDSKDSTYSLSSTLTLSKADYEKHKVYACEVTHQGLSSPVTKSFNRGEC
;
N
#
loop_
_chem_comp.id
_chem_comp.type
_chem_comp.name
_chem_comp.formula
NAG D-saccharide, beta linking 2-acetamido-2-deoxy-beta-D-glucopyranose 'C8 H15 N O6'
#
# COMPACT_ATOMS: atom_id res chain seq x y z
N ASN A 1 -39.80 33.44 18.89
CA ASN A 1 -39.33 33.44 17.51
C ASN A 1 -37.81 33.33 17.45
N LEU A 2 -37.28 32.23 17.97
CA LEU A 2 -35.83 32.02 17.99
C LEU A 2 -35.29 31.85 16.58
N CYS A 3 -34.05 32.30 16.39
CA CYS A 3 -33.39 32.16 15.11
C CYS A 3 -33.04 30.70 14.84
N PRO A 4 -33.03 30.29 13.56
CA PRO A 4 -32.78 28.88 13.22
C PRO A 4 -31.30 28.49 13.20
N PHE A 5 -30.60 28.77 14.31
CA PHE A 5 -29.23 28.28 14.44
C PHE A 5 -29.16 26.77 14.57
N ASP A 6 -30.23 26.13 15.05
CA ASP A 6 -30.21 24.68 15.19
C ASP A 6 -30.05 24.00 13.84
N GLU A 7 -30.73 24.51 12.81
CA GLU A 7 -30.60 23.93 11.48
C GLU A 7 -29.20 24.14 10.93
N VAL A 8 -28.62 25.31 11.17
CA VAL A 8 -27.28 25.59 10.65
C VAL A 8 -26.24 24.71 11.32
N PHE A 9 -26.28 24.62 12.64
CA PHE A 9 -25.28 23.89 13.40
C PHE A 9 -25.61 22.41 13.57
N ASN A 10 -26.71 21.94 12.99
CA ASN A 10 -27.15 20.57 13.16
C ASN A 10 -27.52 19.89 11.85
N ALA A 11 -27.23 20.52 10.71
CA ALA A 11 -27.61 19.97 9.42
C ALA A 11 -26.88 18.66 9.16
N THR A 12 -27.59 17.70 8.56
CA THR A 12 -27.00 16.41 8.27
C THR A 12 -25.91 16.51 7.21
N ARG A 13 -26.12 17.34 6.19
CA ARG A 13 -25.21 17.46 5.07
C ARG A 13 -24.77 18.90 4.92
N PHE A 14 -23.49 19.17 5.19
CA PHE A 14 -22.92 20.49 4.94
C PHE A 14 -22.52 20.62 3.48
N ALA A 15 -22.07 21.80 3.11
CA ALA A 15 -21.64 22.10 1.76
C ALA A 15 -20.13 21.98 1.63
N SER A 16 -19.67 21.78 0.40
CA SER A 16 -18.24 21.79 0.14
C SER A 16 -17.73 23.23 0.13
N VAL A 17 -16.45 23.39 0.46
CA VAL A 17 -15.90 24.73 0.66
C VAL A 17 -15.89 25.53 -0.64
N TYR A 18 -15.77 24.86 -1.79
CA TYR A 18 -15.81 25.60 -3.05
C TYR A 18 -17.21 26.12 -3.35
N ALA A 19 -18.24 25.44 -2.85
CA ALA A 19 -19.61 25.89 -3.00
C ALA A 19 -20.25 26.10 -1.64
N TRP A 20 -19.56 26.83 -0.76
CA TRP A 20 -20.00 27.01 0.62
C TRP A 20 -21.44 27.50 0.69
N ASN A 21 -22.14 27.10 1.74
CA ASN A 21 -23.56 27.38 1.86
C ASN A 21 -23.79 28.68 2.61
N ARG A 22 -24.72 29.49 2.10
CA ARG A 22 -25.00 30.83 2.61
C ARG A 22 -26.43 30.88 3.12
N LYS A 23 -26.62 31.48 4.30
CA LYS A 23 -27.95 31.63 4.86
C LYS A 23 -28.11 33.00 5.52
N ARG A 24 -29.26 33.61 5.29
CA ARG A 24 -29.57 34.95 5.77
C ARG A 24 -30.44 34.84 7.03
N ILE A 25 -29.93 35.36 8.14
CA ILE A 25 -30.64 35.35 9.42
C ILE A 25 -31.06 36.77 9.72
N SER A 26 -32.37 36.98 9.85
CA SER A 26 -32.92 38.31 10.11
C SER A 26 -34.31 38.17 10.69
N ASN A 27 -34.78 39.26 11.31
CA ASN A 27 -36.12 39.34 11.90
C ASN A 27 -36.38 38.19 12.87
N CYS A 28 -35.41 37.93 13.74
CA CYS A 28 -35.53 36.88 14.73
C CYS A 28 -34.59 37.17 15.89
N VAL A 29 -35.04 36.81 17.08
CA VAL A 29 -34.21 36.92 18.27
C VAL A 29 -33.23 35.75 18.30
N ALA A 30 -31.94 36.06 18.49
CA ALA A 30 -30.88 35.07 18.46
C ALA A 30 -30.29 34.93 19.85
N ASP A 31 -30.27 33.70 20.35
CA ASP A 31 -29.64 33.38 21.64
C ASP A 31 -28.35 32.64 21.34
N TYR A 32 -27.24 33.35 21.37
CA TYR A 32 -25.93 32.73 21.15
C TYR A 32 -25.47 31.90 22.33
N SER A 33 -26.28 31.80 23.38
CA SER A 33 -25.97 30.95 24.52
C SER A 33 -25.87 29.49 24.10
N VAL A 34 -26.80 29.04 23.27
CA VAL A 34 -26.84 27.65 22.84
C VAL A 34 -25.58 27.32 22.06
N LEU A 35 -25.07 28.28 21.28
CA LEU A 35 -23.86 28.10 20.49
C LEU A 35 -22.68 27.71 21.38
N TYR A 36 -22.45 28.47 22.44
CA TYR A 36 -21.35 28.16 23.35
C TYR A 36 -21.68 26.95 24.21
N ASN A 37 -22.97 26.68 24.43
CA ASN A 37 -23.36 25.54 25.25
C ASN A 37 -22.92 24.22 24.63
N PHE A 38 -22.68 24.20 23.33
CA PHE A 38 -22.04 23.04 22.71
C PHE A 38 -20.65 22.82 23.32
N ALA A 39 -20.50 21.73 24.05
CA ALA A 39 -19.20 21.38 24.63
C ALA A 39 -18.10 21.12 23.60
N PRO A 40 -18.32 20.34 22.51
CA PRO A 40 -17.17 19.88 21.72
C PRO A 40 -16.56 20.92 20.79
N PHE A 41 -17.20 22.08 20.60
CA PHE A 41 -16.68 23.07 19.66
C PHE A 41 -15.24 23.44 19.93
N PHE A 42 -14.36 23.10 18.99
CA PHE A 42 -12.92 23.24 19.19
CA PHE A 42 -12.92 23.23 19.13
C PHE A 42 -12.42 24.63 18.81
N ALA A 43 -13.24 25.42 18.10
CA ALA A 43 -12.82 26.77 17.74
C ALA A 43 -14.06 27.68 17.77
N PHE A 44 -14.27 28.32 18.92
CA PHE A 44 -15.29 29.34 19.10
C PHE A 44 -14.65 30.73 19.01
N LYS A 45 -13.99 31.01 17.88
CA LYS A 45 -12.95 32.03 17.92
C LYS A 45 -13.29 33.24 17.06
N CYS A 46 -12.86 34.43 17.54
CA CYS A 46 -13.05 35.69 16.83
C CYS A 46 -12.39 36.90 17.46
N TYR A 47 -12.56 38.01 16.74
CA TYR A 47 -11.62 39.11 16.71
C TYR A 47 -12.23 40.43 17.18
N GLY A 48 -13.34 40.83 16.57
CA GLY A 48 -13.94 42.14 16.76
C GLY A 48 -15.16 42.20 17.66
N VAL A 49 -15.48 41.13 18.38
CA VAL A 49 -16.57 41.14 19.34
C VAL A 49 -16.25 40.17 20.45
N SER A 50 -16.52 40.56 21.68
CA SER A 50 -16.27 39.69 22.81
C SER A 50 -17.25 38.52 22.79
N PRO A 51 -16.77 37.29 23.04
CA PRO A 51 -17.68 36.14 23.01
C PRO A 51 -18.83 36.23 24.00
N THR A 52 -18.64 36.94 25.11
CA THR A 52 -19.70 37.10 26.10
C THR A 52 -20.64 38.25 25.78
N LYS A 53 -20.32 39.07 24.78
CA LYS A 53 -21.15 40.21 24.41
C LYS A 53 -22.08 39.91 23.24
N LEU A 54 -22.14 38.65 22.79
CA LEU A 54 -23.00 38.31 21.65
C LEU A 54 -24.47 38.57 21.98
N ASN A 55 -24.90 38.15 23.16
CA ASN A 55 -26.31 38.32 23.55
C ASN A 55 -26.65 39.73 23.97
N ASP A 56 -25.66 40.61 24.11
CA ASP A 56 -25.85 41.94 24.68
C ASP A 56 -26.06 43.02 23.64
N LEU A 57 -26.09 42.67 22.36
CA LEU A 57 -26.20 43.68 21.30
C LEU A 57 -27.12 43.15 20.21
N CYS A 58 -27.80 44.08 19.52
CA CYS A 58 -28.70 43.76 18.43
C CYS A 58 -28.07 44.13 17.10
N PHE A 59 -28.03 43.18 16.18
CA PHE A 59 -27.48 43.36 14.85
C PHE A 59 -28.61 43.34 13.82
N THR A 60 -28.23 43.55 12.57
CA THR A 60 -29.13 43.39 11.44
C THR A 60 -28.39 42.65 10.32
N ASN A 61 -29.14 41.85 9.56
CA ASN A 61 -28.61 41.13 8.41
C ASN A 61 -27.44 40.22 8.81
N VAL A 62 -27.74 39.23 9.65
CA VAL A 62 -26.74 38.24 10.02
C VAL A 62 -26.58 37.25 8.89
N TYR A 63 -25.34 36.79 8.66
CA TYR A 63 -25.07 35.82 7.60
C TYR A 63 -24.37 34.61 8.20
N ALA A 64 -24.70 33.43 7.69
CA ALA A 64 -24.09 32.18 8.14
C ALA A 64 -23.55 31.43 6.93
N ASP A 65 -22.26 31.13 6.96
CA ASP A 65 -21.60 30.36 5.91
C ASP A 65 -21.18 29.02 6.49
N SER A 66 -21.67 27.93 5.91
CA SER A 66 -21.35 26.60 6.38
C SER A 66 -20.57 25.84 5.32
N PHE A 67 -19.52 25.14 5.74
CA PHE A 67 -18.78 24.26 4.84
C PHE A 67 -17.94 23.29 5.67
N VAL A 68 -17.19 22.45 4.98
CA VAL A 68 -16.34 21.43 5.58
C VAL A 68 -14.95 21.51 4.95
N ILE A 69 -13.92 21.48 5.79
CA ILE A 69 -12.53 21.58 5.33
C ILE A 69 -11.68 20.61 6.13
N ARG A 70 -10.38 20.59 5.83
CA ARG A 70 -9.43 19.78 6.58
C ARG A 70 -9.22 20.37 7.97
N GLY A 71 -8.54 19.60 8.82
CA GLY A 71 -8.19 20.10 10.14
C GLY A 71 -7.17 21.21 10.10
N ASN A 72 -6.15 21.08 9.25
CA ASN A 72 -5.07 22.06 9.20
C ASN A 72 -5.41 23.29 8.37
N GLU A 73 -6.56 23.29 7.68
CA GLU A 73 -6.99 24.45 6.91
C GLU A 73 -7.91 25.37 7.70
N VAL A 74 -8.20 25.03 8.96
CA VAL A 74 -9.04 25.89 9.78
C VAL A 74 -8.33 27.22 10.05
N SER A 75 -7.00 27.18 10.19
CA SER A 75 -6.25 28.40 10.45
C SER A 75 -6.29 29.37 9.29
N GLN A 76 -6.73 28.94 8.11
CA GLN A 76 -6.85 29.84 6.97
C GLN A 76 -8.17 30.59 6.96
N ILE A 77 -9.11 30.23 7.81
CA ILE A 77 -10.39 30.98 7.92
C ILE A 77 -10.16 32.06 8.95
N ALA A 78 -9.57 33.17 8.50
CA ALA A 78 -9.22 34.29 9.35
C ALA A 78 -8.88 35.50 8.48
N PRO A 79 -9.06 36.72 8.97
CA PRO A 79 -8.71 37.90 8.17
C PRO A 79 -7.22 37.94 7.85
N GLY A 80 -6.90 38.41 6.65
CA GLY A 80 -5.51 38.54 6.24
C GLY A 80 -4.77 37.22 6.18
N GLN A 81 -5.38 36.19 5.62
CA GLN A 81 -4.79 34.86 5.53
C GLN A 81 -4.59 34.46 4.07
N THR A 82 -3.47 33.80 3.79
CA THR A 82 -3.17 33.28 2.48
C THR A 82 -3.07 31.76 2.53
N GLY A 83 -3.42 31.13 1.41
CA GLY A 83 -3.39 29.69 1.35
C GLY A 83 -4.17 29.19 0.14
N ASN A 84 -4.63 27.95 0.24
CA ASN A 84 -5.42 27.38 -0.85
C ASN A 84 -6.88 27.79 -0.76
N ILE A 85 -7.54 27.42 0.35
CA ILE A 85 -8.96 27.73 0.48
C ILE A 85 -9.17 29.21 0.70
N ALA A 86 -8.22 29.90 1.32
CA ALA A 86 -8.36 31.33 1.54
C ALA A 86 -8.29 32.10 0.23
N ASP A 87 -7.45 31.65 -0.70
CA ASP A 87 -7.28 32.35 -1.97
C ASP A 87 -8.26 31.91 -3.05
N TYR A 88 -8.74 30.67 -3.02
CA TYR A 88 -9.54 30.16 -4.12
C TYR A 88 -10.90 29.61 -3.72
N ASN A 89 -11.19 29.43 -2.44
CA ASN A 89 -12.45 28.87 -2.01
C ASN A 89 -13.28 29.82 -1.15
N TYR A 90 -12.69 30.37 -0.09
CA TYR A 90 -13.44 31.21 0.85
C TYR A 90 -12.52 32.31 1.35
N LYS A 91 -12.74 33.53 0.88
CA LYS A 91 -11.91 34.68 1.23
C LYS A 91 -12.63 35.53 2.26
N LEU A 92 -12.09 35.56 3.48
CA LEU A 92 -12.59 36.47 4.50
C LEU A 92 -11.96 37.85 4.30
N PRO A 93 -12.74 38.93 4.43
CA PRO A 93 -12.18 40.27 4.26
C PRO A 93 -11.28 40.65 5.42
N ASP A 94 -10.45 41.67 5.18
CA ASP A 94 -9.52 42.14 6.21
C ASP A 94 -10.26 42.75 7.39
N ASP A 95 -11.34 43.49 7.12
CA ASP A 95 -12.11 44.18 8.15
C ASP A 95 -13.30 43.36 8.62
N PHE A 96 -13.14 42.04 8.67
CA PHE A 96 -14.25 41.14 8.97
C PHE A 96 -14.73 41.32 10.42
N THR A 97 -16.05 41.33 10.59
CA THR A 97 -16.69 41.29 11.89
C THR A 97 -17.68 40.14 11.91
N GLY A 98 -17.83 39.52 13.07
CA GLY A 98 -18.46 38.22 13.17
C GLY A 98 -17.38 37.23 13.53
N CYS A 99 -17.63 35.93 13.47
CA CYS A 99 -16.57 34.98 13.79
C CYS A 99 -16.92 33.53 13.50
N VAL A 100 -15.95 32.66 13.80
CA VAL A 100 -15.85 31.35 13.16
C VAL A 100 -15.96 30.25 14.21
N ILE A 101 -16.74 29.23 13.85
CA ILE A 101 -17.09 28.13 14.72
C ILE A 101 -16.66 26.86 13.99
N ALA A 102 -15.57 26.24 14.44
CA ALA A 102 -15.03 25.06 13.80
C ALA A 102 -15.03 23.91 14.78
N TRP A 103 -15.58 22.76 14.36
CA TRP A 103 -15.57 21.59 15.23
C TRP A 103 -15.33 20.33 14.41
N ASN A 104 -14.69 19.35 15.04
CA ASN A 104 -14.37 18.09 14.40
C ASN A 104 -15.63 17.30 14.12
N SER A 105 -15.75 16.79 12.90
CA SER A 105 -16.90 16.01 12.47
C SER A 105 -16.46 14.71 11.80
N ASN A 106 -15.44 14.07 12.38
CA ASN A 106 -14.95 12.81 11.83
C ASN A 106 -16.01 11.71 11.93
N LYS A 107 -16.89 11.80 12.92
CA LYS A 107 -17.92 10.78 13.10
C LYS A 107 -18.95 10.81 11.98
N LEU A 108 -19.20 11.98 11.39
CA LEU A 108 -20.26 12.15 10.40
C LEU A 108 -19.75 12.24 8.97
N ASP A 109 -18.70 13.01 8.72
CA ASP A 109 -18.25 13.31 7.37
C ASP A 109 -17.14 12.38 6.90
N SER A 110 -17.13 11.14 7.36
CA SER A 110 -16.06 10.22 7.05
C SER A 110 -16.60 8.81 6.86
N LYS A 111 -16.09 8.12 5.85
CA LYS A 111 -16.50 6.75 5.54
C LYS A 111 -15.28 5.86 5.52
N VAL A 112 -15.50 4.56 5.72
CA VAL A 112 -14.40 3.61 5.76
C VAL A 112 -13.67 3.55 4.42
N GLY A 113 -14.42 3.53 3.32
CA GLY A 113 -13.78 3.54 2.02
C GLY A 113 -13.36 4.90 1.53
N GLY A 114 -13.68 5.95 2.28
CA GLY A 114 -13.39 7.31 1.85
C GLY A 114 -14.64 8.04 1.42
N ASN A 115 -14.84 9.25 1.93
CA ASN A 115 -15.99 10.08 1.59
C ASN A 115 -15.58 11.10 0.55
N TYR A 116 -16.16 11.02 -0.64
CA TYR A 116 -15.78 11.85 -1.77
C TYR A 116 -16.83 12.92 -2.08
N ASN A 117 -17.70 13.24 -1.13
CA ASN A 117 -18.73 14.25 -1.35
C ASN A 117 -18.23 15.66 -1.08
N TYR A 118 -17.08 15.83 -0.44
CA TYR A 118 -16.56 17.13 -0.07
C TYR A 118 -15.39 17.48 -0.98
N ARG A 119 -15.39 18.71 -1.50
CA ARG A 119 -14.53 19.08 -2.61
C ARG A 119 -14.04 20.50 -2.40
N TYR A 120 -12.92 20.83 -3.05
CA TYR A 120 -12.34 22.15 -2.94
C TYR A 120 -11.69 22.52 -4.26
N ARG A 121 -11.58 23.82 -4.52
CA ARG A 121 -10.98 24.31 -5.75
C ARG A 121 -9.47 24.42 -5.56
N LEU A 122 -8.72 23.91 -6.53
CA LEU A 122 -7.27 23.93 -6.49
C LEU A 122 -6.64 24.89 -7.49
N PHE A 123 -7.35 25.24 -8.57
CA PHE A 123 -6.79 26.03 -9.65
C PHE A 123 -7.67 27.25 -9.89
N ARG A 124 -7.04 28.43 -9.92
CA ARG A 124 -7.73 29.68 -10.23
C ARG A 124 -6.67 30.70 -10.57
N LYS A 125 -6.85 31.41 -11.70
CA LYS A 125 -5.83 32.33 -12.16
C LYS A 125 -5.71 33.55 -11.25
N SER A 126 -6.75 33.89 -10.52
CA SER A 126 -6.72 35.06 -9.65
C SER A 126 -7.43 34.74 -8.33
N ASN A 127 -7.05 35.48 -7.30
CA ASN A 127 -7.62 35.28 -5.97
C ASN A 127 -9.09 35.68 -5.96
N LEU A 128 -9.83 35.09 -5.03
CA LEU A 128 -11.22 35.45 -4.84
C LEU A 128 -11.34 36.79 -4.12
N LYS A 129 -12.35 37.57 -4.50
CA LYS A 129 -12.72 38.72 -3.71
C LYS A 129 -13.38 38.26 -2.42
N PRO A 130 -13.35 39.10 -1.38
CA PRO A 130 -13.97 38.68 -0.10
C PRO A 130 -15.43 38.33 -0.28
N PHE A 131 -15.83 37.21 0.33
CA PHE A 131 -17.20 36.69 0.25
C PHE A 131 -17.65 36.51 -1.20
N GLU A 132 -16.78 35.90 -2.00
CA GLU A 132 -17.11 35.58 -3.39
C GLU A 132 -17.09 34.07 -3.57
N ARG A 133 -18.08 33.56 -4.29
CA ARG A 133 -18.22 32.14 -4.54
C ARG A 133 -17.94 31.84 -6.00
N ASP A 134 -17.28 30.71 -6.26
CA ASP A 134 -17.03 30.26 -7.62
C ASP A 134 -17.46 28.81 -7.71
N ILE A 135 -18.31 28.50 -8.70
CA ILE A 135 -18.85 27.16 -8.86
C ILE A 135 -18.59 26.67 -10.28
N SER A 136 -17.82 27.45 -11.03
CA SER A 136 -17.56 27.13 -12.44
C SER A 136 -16.65 25.91 -12.53
N THR A 137 -17.18 24.81 -13.05
CA THR A 137 -16.39 23.59 -13.24
C THR A 137 -15.92 23.48 -14.68
N GLU A 138 -15.05 24.40 -15.07
CA GLU A 138 -14.48 24.44 -16.41
C GLU A 138 -13.04 23.94 -16.38
N ILE A 139 -12.65 23.26 -17.45
CA ILE A 139 -11.32 22.67 -17.52
C ILE A 139 -10.27 23.79 -17.45
N TYR A 140 -9.49 23.78 -16.38
CA TYR A 140 -8.50 24.83 -16.14
C TYR A 140 -7.32 24.68 -17.10
N GLN A 141 -6.93 25.77 -17.73
CA GLN A 141 -5.88 25.76 -18.74
C GLN A 141 -4.59 26.29 -18.11
N ALA A 142 -3.75 25.38 -17.62
CA ALA A 142 -2.44 25.74 -17.10
C ALA A 142 -1.35 25.60 -18.15
N GLY A 143 -1.56 26.21 -19.31
CA GLY A 143 -0.61 26.08 -20.40
C GLY A 143 -1.12 26.83 -21.62
N ASN A 144 -0.27 26.88 -22.64
CA ASN A 144 -0.56 27.69 -23.82
C ASN A 144 -1.62 27.04 -24.71
N LYS A 145 -1.53 25.74 -24.94
CA LYS A 145 -2.42 25.10 -25.91
C LYS A 145 -3.83 24.96 -25.33
N PRO A 146 -4.85 25.51 -26.00
CA PRO A 146 -6.22 25.28 -25.55
C PRO A 146 -6.69 23.88 -25.90
N CYS A 147 -6.97 23.09 -24.85
CA CYS A 147 -7.46 21.73 -25.08
C CYS A 147 -8.96 21.72 -25.38
N ASN A 148 -9.62 22.87 -25.21
CA ASN A 148 -10.99 23.06 -25.66
C ASN A 148 -11.99 22.18 -24.90
N GLY A 149 -11.78 22.01 -23.60
CA GLY A 149 -12.76 21.32 -22.78
C GLY A 149 -12.54 19.86 -22.54
N VAL A 150 -11.33 19.34 -22.79
CA VAL A 150 -11.00 17.95 -22.48
C VAL A 150 -9.77 17.94 -21.57
N ALA A 151 -9.85 17.16 -20.50
CA ALA A 151 -8.76 17.10 -19.54
C ALA A 151 -7.56 16.36 -20.14
N GLY A 152 -6.41 16.57 -19.52
CA GLY A 152 -5.18 15.95 -19.97
C GLY A 152 -3.95 16.54 -19.30
N VAL A 153 -2.95 16.88 -20.09
CA VAL A 153 -1.75 17.54 -19.57
C VAL A 153 -1.92 19.05 -19.74
N ASN A 154 -1.58 19.81 -18.70
CA ASN A 154 -1.80 21.25 -18.63
C ASN A 154 -3.27 21.62 -18.70
N CYS A 155 -4.16 20.63 -18.66
CA CYS A 155 -5.60 20.85 -18.55
C CYS A 155 -6.09 19.94 -17.43
N TYR A 156 -6.59 20.52 -16.36
CA TYR A 156 -6.99 19.77 -15.18
C TYR A 156 -8.36 20.22 -14.72
N PHE A 157 -9.06 19.32 -14.05
CA PHE A 157 -10.33 19.69 -13.44
C PHE A 157 -10.06 20.52 -12.20
N PRO A 158 -10.66 21.71 -12.09
CA PRO A 158 -10.28 22.62 -10.99
C PRO A 158 -10.65 22.12 -9.61
N LEU A 159 -11.57 21.16 -9.50
CA LEU A 159 -12.06 20.70 -8.20
C LEU A 159 -11.45 19.36 -7.85
N GLN A 160 -10.99 19.24 -6.60
CA GLN A 160 -10.42 18.01 -6.07
C GLN A 160 -11.18 17.64 -4.80
N SER A 161 -11.43 16.34 -4.63
CA SER A 161 -12.25 15.88 -3.52
C SER A 161 -11.38 15.48 -2.34
N TYR A 162 -11.78 15.93 -1.15
CA TYR A 162 -11.20 15.41 0.07
C TYR A 162 -11.49 13.92 0.20
N GLY A 163 -10.47 13.13 0.50
CA GLY A 163 -10.68 11.72 0.73
C GLY A 163 -10.83 11.40 2.21
N PHE A 164 -11.88 11.93 2.83
CA PHE A 164 -12.02 11.84 4.28
C PHE A 164 -12.18 10.39 4.74
N ARG A 165 -11.24 9.93 5.55
CA ARG A 165 -11.25 8.60 6.13
C ARG A 165 -11.10 8.69 7.64
N PRO A 166 -11.68 7.75 8.38
CA PRO A 166 -11.75 7.92 9.85
C PRO A 166 -10.43 7.70 10.56
N THR A 167 -9.43 7.11 9.90
CA THR A 167 -8.13 6.89 10.54
C THR A 167 -7.15 8.02 10.29
N TYR A 168 -7.58 9.08 9.63
CA TYR A 168 -6.67 10.20 9.38
C TYR A 168 -6.32 10.89 10.70
N GLY A 169 -5.14 11.48 10.73
CA GLY A 169 -4.73 12.25 11.89
C GLY A 169 -5.48 13.57 11.98
N VAL A 170 -5.43 14.17 13.16
CA VAL A 170 -6.01 15.49 13.34
C VAL A 170 -5.21 16.48 12.52
N GLY A 171 -5.86 17.09 11.54
CA GLY A 171 -5.17 17.93 10.57
C GLY A 171 -5.67 17.63 9.17
N HIS A 172 -6.03 16.37 8.94
CA HIS A 172 -6.66 15.95 7.71
C HIS A 172 -8.02 15.31 7.94
N GLN A 173 -8.47 15.25 9.18
CA GLN A 173 -9.83 14.81 9.47
C GLN A 173 -10.81 15.91 9.09
N PRO A 174 -12.05 15.56 8.77
CA PRO A 174 -13.05 16.58 8.41
C PRO A 174 -13.34 17.51 9.58
N TYR A 175 -13.58 18.78 9.24
CA TYR A 175 -13.95 19.79 10.22
C TYR A 175 -15.07 20.62 9.64
N ARG A 176 -16.15 20.78 10.41
CA ARG A 176 -17.28 21.59 10.01
C ARG A 176 -17.07 23.01 10.51
N VAL A 177 -17.24 23.98 9.61
CA VAL A 177 -16.95 25.38 9.88
C VAL A 177 -18.19 26.20 9.55
N VAL A 178 -18.60 27.04 10.50
CA VAL A 178 -19.70 27.99 10.33
C VAL A 178 -19.17 29.37 10.65
N VAL A 179 -19.22 30.26 9.68
CA VAL A 179 -18.76 31.64 9.83
C VAL A 179 -19.98 32.54 9.91
N LEU A 180 -20.12 33.25 11.03
CA LEU A 180 -21.20 34.19 11.22
C LEU A 180 -20.68 35.60 10.95
N SER A 181 -21.45 36.36 10.17
CA SER A 181 -21.11 37.73 9.83
C SER A 181 -22.20 38.65 10.35
N PHE A 182 -21.80 39.67 11.12
CA PHE A 182 -22.71 40.64 11.71
C PHE A 182 -22.52 41.95 10.97
N GLU A 183 -23.28 42.14 9.90
CA GLU A 183 -23.12 43.30 9.02
C GLU A 183 -24.08 44.39 9.47
N LEU A 184 -23.57 45.33 10.27
CA LEU A 184 -24.36 46.48 10.67
C LEU A 184 -24.66 47.36 9.45
N LEU A 185 -25.85 47.96 9.44
CA LEU A 185 -26.29 48.73 8.29
C LEU A 185 -27.33 49.74 8.75
N HIS A 186 -27.50 50.79 7.94
CA HIS A 186 -28.45 51.85 8.26
C HIS A 186 -29.89 51.38 8.04
N ALA A 187 -30.38 50.51 8.91
CA ALA A 187 -31.73 49.98 8.82
C ALA A 187 -32.17 49.57 10.22
N PRO A 188 -33.47 49.42 10.44
CA PRO A 188 -33.95 48.90 11.74
C PRO A 188 -33.26 47.60 12.11
N ALA A 189 -32.54 47.61 13.23
CA ALA A 189 -31.85 46.41 13.68
C ALA A 189 -32.83 45.29 13.94
N THR A 190 -32.52 44.10 13.42
CA THR A 190 -33.43 42.96 13.46
C THR A 190 -32.98 41.90 14.45
N VAL A 191 -31.75 41.40 14.31
CA VAL A 191 -31.27 40.29 15.12
C VAL A 191 -30.78 40.80 16.47
N CYS A 192 -31.60 40.69 17.49
CA CYS A 192 -31.25 41.12 18.84
C CYS A 192 -31.16 39.92 19.78
N GLY A 193 -30.39 40.10 20.84
CA GLY A 193 -30.30 39.10 21.88
C GLY A 193 -31.43 39.21 22.86
N PRO A 194 -31.50 38.23 23.79
CA PRO A 194 -32.53 38.22 24.82
C PRO A 194 -32.38 39.35 25.83
N GLN B 1 -30.28 -5.63 21.20
CA GLN B 1 -30.43 -6.77 20.32
C GLN B 1 -31.20 -6.38 19.06
N ILE B 2 -30.64 -6.71 17.90
CA ILE B 2 -31.23 -6.37 16.61
C ILE B 2 -31.27 -7.61 15.74
N THR B 3 -32.21 -7.63 14.80
CA THR B 3 -32.41 -8.77 13.92
C THR B 3 -32.54 -8.29 12.48
N LEU B 4 -32.20 -9.18 11.55
CA LEU B 4 -32.33 -8.92 10.12
C LEU B 4 -32.79 -10.20 9.43
N LYS B 5 -33.73 -10.07 8.49
CA LYS B 5 -34.25 -11.23 7.79
C LYS B 5 -34.32 -10.94 6.30
N GLU B 6 -33.79 -11.86 5.48
CA GLU B 6 -33.83 -11.72 4.04
C GLU B 6 -34.99 -12.51 3.45
N SER B 7 -35.50 -12.02 2.32
CA SER B 7 -36.59 -12.69 1.62
C SER B 7 -36.50 -12.38 0.14
N GLY B 8 -37.09 -13.26 -0.67
CA GLY B 8 -37.11 -13.07 -2.10
C GLY B 8 -37.21 -14.38 -2.86
N PRO B 9 -36.87 -14.35 -4.15
CA PRO B 9 -36.94 -15.56 -4.98
C PRO B 9 -35.68 -16.40 -4.83
N THR B 10 -35.84 -17.59 -4.29
CA THR B 10 -34.72 -18.51 -4.10
C THR B 10 -34.47 -19.38 -5.33
N LEU B 11 -35.23 -19.17 -6.41
CA LEU B 11 -35.12 -19.95 -7.64
C LEU B 11 -35.08 -18.94 -8.80
N VAL B 12 -33.89 -18.50 -9.18
CA VAL B 12 -33.70 -17.44 -10.16
C VAL B 12 -33.18 -18.05 -11.45
N LYS B 13 -33.85 -17.75 -12.56
CA LYS B 13 -33.51 -18.29 -13.86
C LYS B 13 -32.29 -17.57 -14.45
N PRO B 14 -31.52 -18.24 -15.31
CA PRO B 14 -30.28 -17.64 -15.80
C PRO B 14 -30.54 -16.42 -16.66
N THR B 15 -29.51 -15.56 -16.74
CA THR B 15 -29.50 -14.27 -17.42
C THR B 15 -30.76 -13.45 -17.14
N GLN B 16 -31.31 -13.58 -15.94
CA GLN B 16 -32.41 -12.76 -15.47
C GLN B 16 -31.96 -11.97 -14.24
N THR B 17 -32.91 -11.32 -13.59
CA THR B 17 -32.65 -10.39 -12.49
C THR B 17 -33.39 -10.84 -11.24
N LEU B 18 -32.72 -10.73 -10.09
CA LEU B 18 -33.36 -11.00 -8.81
C LEU B 18 -33.41 -9.76 -7.94
N THR B 19 -34.41 -9.73 -7.05
CA THR B 19 -34.57 -8.68 -6.06
C THR B 19 -34.73 -9.31 -4.68
N LEU B 20 -33.89 -8.88 -3.74
CA LEU B 20 -33.85 -9.42 -2.40
C LEU B 20 -34.17 -8.32 -1.40
N THR B 21 -35.07 -8.60 -0.47
CA THR B 21 -35.52 -7.61 0.51
C THR B 21 -35.10 -8.05 1.90
N CYS B 22 -34.33 -7.19 2.57
CA CYS B 22 -33.90 -7.42 3.94
C CYS B 22 -34.69 -6.50 4.84
N THR B 23 -35.48 -7.08 5.74
CA THR B 23 -36.24 -6.36 6.74
C THR B 23 -35.51 -6.47 8.07
N PHE B 24 -35.20 -5.32 8.67
CA PHE B 24 -34.41 -5.28 9.89
C PHE B 24 -35.21 -4.63 11.01
N SER B 25 -34.99 -5.12 12.22
CA SER B 25 -35.64 -4.59 13.42
C SER B 25 -34.59 -4.39 14.50
N GLY B 26 -34.86 -3.44 15.40
CA GLY B 26 -33.93 -3.06 16.43
C GLY B 26 -33.11 -1.83 16.12
N PHE B 27 -33.13 -1.37 14.87
CA PHE B 27 -32.45 -0.14 14.49
C PHE B 27 -33.13 0.42 13.24
N SER B 28 -32.84 1.68 12.95
CA SER B 28 -33.42 2.35 11.80
C SER B 28 -32.30 3.03 11.01
N LEU B 29 -32.51 3.12 9.69
CA LEU B 29 -31.52 3.71 8.79
C LEU B 29 -31.58 5.24 8.86
N SER B 30 -31.43 5.75 10.09
CA SER B 30 -31.35 7.18 10.34
C SER B 30 -30.21 7.57 11.26
N THR B 31 -29.70 6.65 12.07
CA THR B 31 -28.58 6.94 12.95
C THR B 31 -27.30 7.11 12.15
N SER B 32 -26.50 8.10 12.52
CA SER B 32 -25.24 8.34 11.82
C SER B 32 -24.28 7.16 12.03
N GLY B 33 -23.62 6.77 10.95
CA GLY B 33 -22.68 5.66 10.99
C GLY B 33 -23.29 4.29 10.84
N VAL B 34 -24.62 4.20 10.70
CA VAL B 34 -25.31 2.92 10.58
C VAL B 34 -25.54 2.64 9.10
N GLY B 35 -25.24 1.42 8.67
CA GLY B 35 -25.46 1.02 7.30
C GLY B 35 -25.93 -0.42 7.22
N VAL B 36 -26.42 -0.78 6.04
CA VAL B 36 -26.83 -2.15 5.74
C VAL B 36 -25.92 -2.65 4.62
N ALA B 37 -25.27 -3.79 4.85
CA ALA B 37 -24.40 -4.39 3.88
C ALA B 37 -25.00 -5.68 3.36
N TRP B 38 -24.67 -6.01 2.12
CA TRP B 38 -25.04 -7.28 1.51
C TRP B 38 -23.76 -8.01 1.16
N ILE B 39 -23.64 -9.24 1.66
CA ILE B 39 -22.48 -10.11 1.44
C ILE B 39 -23.01 -11.43 0.91
N ARG B 40 -22.19 -12.13 0.15
CA ARG B 40 -22.57 -13.43 -0.39
C ARG B 40 -21.45 -14.44 -0.15
N GLN B 41 -21.86 -15.69 0.03
CA GLN B 41 -20.92 -16.80 0.24
C GLN B 41 -21.24 -17.90 -0.76
N PRO B 42 -20.38 -18.14 -1.75
CA PRO B 42 -20.60 -19.26 -2.64
C PRO B 42 -20.48 -20.58 -1.90
N PRO B 43 -21.19 -21.61 -2.33
CA PRO B 43 -21.14 -22.90 -1.61
C PRO B 43 -19.73 -23.47 -1.59
N GLY B 44 -19.17 -23.58 -0.38
CA GLY B 44 -17.83 -24.09 -0.21
C GLY B 44 -16.72 -23.09 -0.43
N LYS B 45 -17.04 -21.81 -0.58
CA LYS B 45 -16.05 -20.77 -0.80
C LYS B 45 -16.11 -19.74 0.32
N ALA B 46 -15.19 -18.78 0.26
CA ALA B 46 -15.12 -17.72 1.25
C ALA B 46 -16.14 -16.63 0.95
N LEU B 47 -16.30 -15.71 1.90
CA LEU B 47 -17.28 -14.65 1.76
C LEU B 47 -16.81 -13.61 0.74
N GLU B 48 -17.77 -12.85 0.21
CA GLU B 48 -17.49 -11.80 -0.75
C GLU B 48 -18.47 -10.66 -0.52
N TRP B 49 -17.95 -9.48 -0.22
CA TRP B 49 -18.80 -8.32 0.01
C TRP B 49 -19.40 -7.83 -1.31
N LEU B 50 -20.71 -7.62 -1.31
CA LEU B 50 -21.42 -7.17 -2.51
C LEU B 50 -21.71 -5.67 -2.49
N ALA B 51 -22.39 -5.20 -1.45
CA ALA B 51 -22.84 -3.81 -1.46
C ALA B 51 -22.96 -3.29 -0.05
N LEU B 52 -23.04 -1.96 0.07
CA LEU B 52 -23.17 -1.32 1.37
C LEU B 52 -23.88 0.02 1.19
N ILE B 53 -25.01 0.19 1.86
CA ILE B 53 -25.78 1.43 1.80
C ILE B 53 -25.75 2.09 3.18
N TYR B 54 -25.58 3.40 3.20
CA TYR B 54 -25.41 4.16 4.43
C TYR B 54 -26.72 4.82 4.83
N TRP B 55 -26.67 5.55 5.95
CA TRP B 55 -27.85 6.23 6.46
C TRP B 55 -28.22 7.44 5.60
N ASP B 56 -27.23 8.07 4.96
CA ASP B 56 -27.47 9.23 4.11
C ASP B 56 -27.58 8.85 2.63
N ASN B 57 -28.10 7.66 2.34
CA ASN B 57 -28.33 7.18 0.99
C ASN B 57 -27.05 7.13 0.16
N ASP B 58 -25.90 7.01 0.80
CA ASP B 58 -24.63 6.80 0.10
C ASP B 58 -24.42 5.30 -0.07
N LYS B 59 -24.14 4.88 -1.30
CA LYS B 59 -24.05 3.48 -1.63
C LYS B 59 -22.68 3.16 -2.24
N ARG B 60 -22.14 2.02 -1.85
CA ARG B 60 -20.87 1.51 -2.37
C ARG B 60 -21.09 0.09 -2.87
N SER B 61 -20.44 -0.24 -3.99
CA SER B 61 -20.57 -1.54 -4.60
C SER B 61 -19.20 -2.04 -5.02
N SER B 62 -19.08 -3.36 -5.15
CA SER B 62 -17.83 -3.95 -5.61
C SER B 62 -17.56 -3.50 -7.04
N PRO B 63 -16.37 -2.98 -7.33
CA PRO B 63 -16.10 -2.46 -8.69
C PRO B 63 -16.24 -3.52 -9.77
N SER B 64 -15.96 -4.78 -9.48
CA SER B 64 -16.14 -5.84 -10.46
C SER B 64 -17.59 -6.25 -10.63
N LEU B 65 -18.49 -5.77 -9.77
CA LEU B 65 -19.91 -6.07 -9.89
C LEU B 65 -20.80 -4.84 -9.76
N ASN B 66 -20.22 -3.64 -9.80
CA ASN B 66 -21.01 -2.41 -9.68
C ASN B 66 -21.78 -2.08 -10.95
N ASN B 67 -21.48 -2.74 -12.06
CA ASN B 67 -22.16 -2.42 -13.32
C ASN B 67 -23.55 -3.04 -13.40
N ARG B 68 -23.85 -3.99 -12.51
CA ARG B 68 -25.13 -4.71 -12.57
C ARG B 68 -25.76 -4.88 -11.19
N LEU B 69 -25.39 -4.06 -10.22
CA LEU B 69 -25.89 -4.17 -8.86
C LEU B 69 -26.47 -2.84 -8.41
N THR B 70 -27.74 -2.85 -7.99
CA THR B 70 -28.40 -1.66 -7.48
C THR B 70 -28.91 -1.93 -6.07
N ILE B 71 -28.76 -0.95 -5.19
CA ILE B 71 -29.16 -1.09 -3.79
C ILE B 71 -29.98 0.12 -3.40
N THR B 72 -31.14 -0.13 -2.80
CA THR B 72 -32.07 0.93 -2.41
C THR B 72 -32.56 0.68 -0.99
N LYS B 73 -33.03 1.74 -0.35
CA LYS B 73 -33.45 1.69 1.04
C LYS B 73 -34.82 2.31 1.21
N ASP B 74 -35.59 1.78 2.16
CA ASP B 74 -36.87 2.33 2.57
C ASP B 74 -36.85 2.43 4.09
N THR B 75 -36.56 3.63 4.59
CA THR B 75 -36.49 3.83 6.03
C THR B 75 -37.85 3.67 6.70
N SER B 76 -38.93 4.06 6.01
CA SER B 76 -40.26 3.95 6.58
C SER B 76 -40.62 2.50 6.88
N LYS B 77 -40.36 1.60 5.93
CA LYS B 77 -40.64 0.18 6.12
C LYS B 77 -39.44 -0.59 6.66
N ASN B 78 -38.33 0.09 6.93
CA ASN B 78 -37.13 -0.55 7.45
C ASN B 78 -36.68 -1.71 6.55
N GLN B 79 -36.57 -1.43 5.27
CA GLN B 79 -36.24 -2.44 4.28
C GLN B 79 -35.05 -1.98 3.43
N VAL B 80 -34.28 -2.96 2.97
CA VAL B 80 -33.22 -2.70 2.00
C VAL B 80 -33.39 -3.69 0.86
N VAL B 81 -33.43 -3.18 -0.37
CA VAL B 81 -33.65 -3.99 -1.55
C VAL B 81 -32.39 -4.00 -2.39
N LEU B 82 -31.87 -5.21 -2.66
CA LEU B 82 -30.76 -5.42 -3.57
C LEU B 82 -31.29 -6.04 -4.85
N THR B 83 -31.11 -5.34 -5.96
CA THR B 83 -31.44 -5.87 -7.28
C THR B 83 -30.15 -6.21 -8.01
N MET B 84 -30.05 -7.43 -8.50
CA MET B 84 -28.88 -7.87 -9.24
C MET B 84 -29.32 -8.48 -10.56
N THR B 85 -28.75 -7.98 -11.66
CA THR B 85 -29.13 -8.35 -13.02
C THR B 85 -28.03 -9.21 -13.65
N ASN B 86 -28.35 -9.76 -14.82
CA ASN B 86 -27.40 -10.48 -15.66
C ASN B 86 -26.74 -11.63 -14.90
N MET B 87 -27.57 -12.57 -14.47
CA MET B 87 -27.09 -13.68 -13.67
C MET B 87 -26.33 -14.71 -14.50
N ASP B 88 -25.42 -15.39 -13.82
CA ASP B 88 -24.62 -16.49 -14.35
C ASP B 88 -24.75 -17.68 -13.42
N PRO B 89 -24.53 -18.90 -13.91
CA PRO B 89 -24.67 -20.07 -13.04
C PRO B 89 -23.73 -20.07 -11.86
N GLU B 90 -22.61 -19.36 -11.93
CA GLU B 90 -21.66 -19.31 -10.82
C GLU B 90 -22.07 -18.30 -9.75
N ASP B 91 -23.17 -17.58 -9.95
CA ASP B 91 -23.66 -16.63 -8.96
C ASP B 91 -24.49 -17.28 -7.87
N THR B 92 -24.73 -18.59 -7.97
CA THR B 92 -25.41 -19.31 -6.90
C THR B 92 -24.60 -19.20 -5.60
N ALA B 93 -25.28 -18.83 -4.52
CA ALA B 93 -24.59 -18.58 -3.25
C ALA B 93 -25.63 -18.50 -2.15
N THR B 94 -25.18 -18.10 -0.97
CA THR B 94 -26.05 -17.73 0.14
C THR B 94 -25.83 -16.25 0.45
N TYR B 95 -26.90 -15.48 0.46
CA TYR B 95 -26.83 -14.03 0.59
C TYR B 95 -27.25 -13.62 1.99
N TYR B 96 -26.43 -12.79 2.63
CA TYR B 96 -26.71 -12.23 3.94
C TYR B 96 -26.82 -10.73 3.84
N CYS B 97 -27.78 -10.17 4.57
CA CYS B 97 -27.79 -8.75 4.90
C CYS B 97 -27.30 -8.60 6.33
N ALA B 98 -26.38 -7.66 6.54
CA ALA B 98 -25.72 -7.51 7.82
C ALA B 98 -25.74 -6.05 8.25
N HIS B 99 -25.75 -5.83 9.56
CA HIS B 99 -25.68 -4.48 10.10
C HIS B 99 -24.23 -4.02 10.14
N PHE B 100 -23.96 -2.84 9.58
CA PHE B 100 -22.63 -2.26 9.56
C PHE B 100 -22.61 -1.04 10.47
N PHE B 101 -21.61 -0.96 11.34
CA PHE B 101 -21.51 0.13 12.29
C PHE B 101 -20.05 0.36 12.66
N SER B 102 -19.76 1.56 13.13
CA SER B 102 -18.43 1.94 13.58
C SER B 102 -18.50 2.36 15.05
N HIS B 103 -17.33 2.49 15.67
CA HIS B 103 -17.23 2.83 17.08
C HIS B 103 -16.24 3.97 17.27
N TYR B 104 -16.76 5.17 17.42
CA TYR B 104 -15.99 6.32 17.88
C TYR B 104 -16.28 6.53 19.36
N ASP B 105 -15.37 7.23 20.05
CA ASP B 105 -15.50 7.38 21.51
C ASP B 105 -15.08 8.80 21.91
N SER B 106 -16.05 9.71 21.95
CA SER B 106 -16.00 11.01 22.60
C SER B 106 -14.98 11.96 21.98
N SER B 107 -14.17 11.50 21.03
CA SER B 107 -13.23 12.36 20.34
C SER B 107 -13.13 12.03 18.86
N ASN B 108 -14.01 11.16 18.36
CA ASN B 108 -13.98 10.72 16.96
C ASN B 108 -12.64 10.07 16.62
N TYR B 109 -12.33 9.02 17.36
CA TYR B 109 -11.06 8.32 17.19
C TYR B 109 -11.16 7.07 16.33
N TYR B 110 -12.36 6.55 16.10
CA TYR B 110 -12.57 5.41 15.21
C TYR B 110 -11.81 4.17 15.69
N TYR B 111 -12.31 3.59 16.78
CA TYR B 111 -11.80 2.29 17.21
C TYR B 111 -12.35 1.17 16.34
N GLY B 112 -12.19 1.29 15.02
CA GLY B 112 -12.57 0.23 14.11
C GLY B 112 -14.04 0.19 13.78
N SER B 113 -14.38 -0.69 12.84
CA SER B 113 -15.75 -0.93 12.40
C SER B 113 -15.92 -2.41 12.11
N TRP B 114 -17.16 -2.82 11.87
CA TRP B 114 -17.48 -4.25 11.83
C TRP B 114 -18.74 -4.49 11.02
N PHE B 115 -19.03 -5.77 10.78
CA PHE B 115 -20.30 -6.25 10.24
C PHE B 115 -20.97 -7.05 11.36
N ASP B 116 -21.75 -6.39 12.18
CA ASP B 116 -22.43 -7.03 13.30
C ASP B 116 -23.83 -7.38 12.78
N PRO B 117 -24.77 -7.91 13.61
CA PRO B 117 -25.52 -9.11 13.21
C PRO B 117 -25.82 -9.28 11.73
N TRP B 118 -25.47 -10.48 11.27
CA TRP B 118 -25.77 -10.94 9.92
C TRP B 118 -27.16 -11.57 9.91
N GLY B 119 -27.85 -11.44 8.78
CA GLY B 119 -29.12 -12.10 8.62
C GLY B 119 -28.97 -13.61 8.60
N GLN B 120 -30.12 -14.28 8.65
CA GLN B 120 -30.11 -15.74 8.65
C GLN B 120 -29.53 -16.29 7.34
N GLY B 121 -29.81 -15.60 6.23
CA GLY B 121 -29.22 -15.97 4.95
C GLY B 121 -30.17 -16.68 4.02
N THR B 122 -30.20 -16.29 2.76
CA THR B 122 -31.06 -16.89 1.76
C THR B 122 -30.19 -17.58 0.71
N LEU B 123 -30.43 -18.87 0.49
CA LEU B 123 -29.65 -19.64 -0.49
C LEU B 123 -30.31 -19.46 -1.86
N VAL B 124 -29.68 -18.69 -2.72
CA VAL B 124 -30.21 -18.36 -4.04
C VAL B 124 -29.38 -19.08 -5.10
N THR B 125 -30.06 -19.72 -6.04
CA THR B 125 -29.43 -20.50 -7.09
C THR B 125 -29.78 -19.94 -8.46
N VAL B 126 -28.87 -20.12 -9.41
CA VAL B 126 -29.04 -19.65 -10.78
C VAL B 126 -28.89 -20.85 -11.70
N SER B 127 -30.01 -21.32 -12.25
CA SER B 127 -29.99 -22.50 -13.10
C SER B 127 -31.24 -22.52 -13.96
N SER B 128 -31.19 -23.35 -15.01
CA SER B 128 -32.27 -23.47 -15.98
C SER B 128 -33.20 -24.64 -15.68
N ALA B 129 -32.69 -25.76 -15.20
CA ALA B 129 -33.51 -26.93 -14.93
C ALA B 129 -34.56 -26.63 -13.87
N SER B 130 -35.78 -27.10 -14.10
CA SER B 130 -36.90 -26.84 -13.20
C SER B 130 -36.94 -27.93 -12.12
N THR B 131 -38.02 -27.96 -11.35
CA THR B 131 -38.12 -28.92 -10.27
C THR B 131 -38.22 -30.34 -10.79
N LYS B 132 -37.80 -31.30 -9.96
CA LYS B 132 -37.87 -32.71 -10.31
C LYS B 132 -37.75 -33.53 -9.03
N GLY B 133 -38.69 -34.45 -8.84
CA GLY B 133 -38.67 -35.32 -7.70
C GLY B 133 -37.46 -36.24 -7.70
N PRO B 134 -36.91 -36.51 -6.53
CA PRO B 134 -35.73 -37.40 -6.44
C PRO B 134 -36.08 -38.84 -6.74
N SER B 135 -35.13 -39.53 -7.36
CA SER B 135 -35.22 -40.97 -7.60
C SER B 135 -34.44 -41.68 -6.50
N VAL B 136 -35.09 -42.61 -5.82
CA VAL B 136 -34.52 -43.27 -4.65
C VAL B 136 -34.13 -44.69 -5.04
N PHE B 137 -32.85 -45.00 -4.86
CA PHE B 137 -32.31 -46.34 -5.14
C PHE B 137 -31.74 -46.91 -3.85
N PRO B 138 -32.31 -47.98 -3.30
CA PRO B 138 -31.78 -48.52 -2.04
C PRO B 138 -30.41 -49.15 -2.22
N LEU B 139 -29.54 -48.89 -1.26
CA LEU B 139 -28.16 -49.38 -1.25
C LEU B 139 -28.05 -50.41 -0.14
N ALA B 140 -27.85 -51.67 -0.52
CA ALA B 140 -27.89 -52.98 0.09
C ALA B 140 -26.60 -53.28 0.86
N PRO B 141 -26.72 -53.72 2.11
CA PRO B 141 -25.55 -54.26 2.82
C PRO B 141 -24.97 -55.44 2.07
N SER B 142 -23.63 -55.50 2.01
CA SER B 142 -22.97 -56.53 1.24
C SER B 142 -23.13 -57.90 1.91
N SER B 143 -22.85 -58.95 1.14
CA SER B 143 -22.99 -60.31 1.63
C SER B 143 -21.88 -60.65 2.61
N LYS B 144 -22.10 -60.33 3.89
CA LYS B 144 -21.15 -60.65 4.96
C LYS B 144 -21.91 -61.26 6.11
N SER B 145 -21.29 -62.24 6.78
CA SER B 145 -21.98 -62.92 7.87
C SER B 145 -22.01 -62.05 9.12
N THR B 146 -20.85 -61.83 9.74
CA THR B 146 -20.77 -60.99 10.94
C THR B 146 -19.86 -59.78 10.73
N SER B 147 -18.62 -59.98 10.28
CA SER B 147 -17.63 -58.91 10.16
C SER B 147 -17.51 -58.10 11.45
N GLY B 148 -17.70 -58.77 12.59
CA GLY B 148 -17.74 -58.06 13.85
C GLY B 148 -18.98 -57.24 14.09
N GLY B 149 -20.08 -57.56 13.40
CA GLY B 149 -21.30 -56.79 13.52
C GLY B 149 -21.19 -55.37 13.03
N THR B 150 -20.54 -55.16 11.89
CA THR B 150 -20.31 -53.83 11.34
C THR B 150 -20.79 -53.80 9.91
N ALA B 151 -21.76 -52.93 9.61
CA ALA B 151 -22.30 -52.81 8.27
C ALA B 151 -22.90 -51.43 8.11
N ALA B 152 -23.16 -51.06 6.85
CA ALA B 152 -23.83 -49.80 6.54
C ALA B 152 -24.83 -50.07 5.42
N LEU B 153 -25.97 -49.38 5.49
CA LEU B 153 -26.99 -49.52 4.47
C LEU B 153 -27.69 -48.19 4.28
N GLY B 154 -28.09 -47.90 3.05
CA GLY B 154 -28.61 -46.57 2.79
C GLY B 154 -29.59 -46.53 1.65
N CYS B 155 -29.88 -45.31 1.20
CA CYS B 155 -30.63 -45.08 -0.02
C CYS B 155 -30.10 -43.82 -0.70
N LEU B 156 -30.03 -43.87 -2.03
CA LEU B 156 -29.46 -42.82 -2.86
C LEU B 156 -30.59 -42.03 -3.51
N VAL B 157 -30.67 -40.73 -3.21
CA VAL B 157 -31.67 -39.85 -3.79
C VAL B 157 -30.99 -38.98 -4.83
N LYS B 158 -31.28 -39.25 -6.11
CA LYS B 158 -30.54 -38.69 -7.23
C LYS B 158 -31.50 -38.00 -8.18
N ASP B 159 -30.97 -37.01 -8.91
CA ASP B 159 -31.71 -36.32 -9.97
C ASP B 159 -32.92 -35.60 -9.39
N TYR B 160 -32.63 -34.64 -8.51
CA TYR B 160 -33.65 -33.82 -7.90
C TYR B 160 -33.24 -32.36 -7.96
N PHE B 161 -34.25 -31.48 -7.95
CA PHE B 161 -34.03 -30.05 -7.99
C PHE B 161 -35.25 -29.35 -7.44
N PRO B 162 -35.10 -28.26 -6.66
CA PRO B 162 -33.82 -27.75 -6.16
C PRO B 162 -33.50 -28.24 -4.74
N GLU B 163 -32.52 -27.59 -4.11
CA GLU B 163 -32.19 -27.90 -2.72
C GLU B 163 -33.33 -27.48 -1.81
N PRO B 164 -33.48 -28.13 -0.65
CA PRO B 164 -32.84 -29.38 -0.23
C PRO B 164 -33.82 -30.55 -0.13
N VAL B 165 -33.29 -31.74 0.13
CA VAL B 165 -34.10 -32.92 0.42
C VAL B 165 -33.79 -33.36 1.84
N THR B 166 -34.84 -33.65 2.61
CA THR B 166 -34.69 -34.07 4.01
C THR B 166 -34.95 -35.57 4.10
N VAL B 167 -34.03 -36.30 4.70
CA VAL B 167 -34.11 -37.74 4.83
C VAL B 167 -34.20 -38.11 6.29
N SER B 168 -35.16 -38.96 6.64
CA SER B 168 -35.31 -39.47 7.99
C SER B 168 -35.33 -40.99 7.96
N TRP B 169 -34.55 -41.61 8.83
CA TRP B 169 -34.43 -43.06 8.87
C TRP B 169 -35.32 -43.61 10.00
N ASN B 170 -36.33 -44.39 9.60
CA ASN B 170 -37.27 -45.02 10.52
C ASN B 170 -37.95 -44.01 11.44
N SER B 171 -38.29 -42.85 10.87
CA SER B 171 -39.16 -41.85 11.52
C SER B 171 -38.62 -41.41 12.87
N GLY B 172 -37.30 -41.26 12.97
CA GLY B 172 -36.66 -40.86 14.20
C GLY B 172 -36.31 -42.00 15.14
N ALA B 173 -36.72 -43.23 14.82
CA ALA B 173 -36.34 -44.40 15.61
C ALA B 173 -35.02 -45.00 15.14
N LEU B 174 -34.40 -44.43 14.11
CA LEU B 174 -33.06 -44.84 13.68
C LEU B 174 -32.31 -43.57 13.29
N THR B 175 -31.57 -43.01 14.25
CA THR B 175 -30.74 -41.84 13.98
C THR B 175 -29.28 -42.08 14.32
N SER B 176 -28.94 -43.23 14.92
CA SER B 176 -27.58 -43.54 15.30
C SER B 176 -26.74 -43.81 14.05
N GLY B 177 -25.88 -42.85 13.71
CA GLY B 177 -24.99 -43.03 12.58
C GLY B 177 -25.55 -42.66 11.23
N VAL B 178 -26.70 -42.01 11.17
CA VAL B 178 -27.27 -41.60 9.88
C VAL B 178 -26.44 -40.47 9.29
N HIS B 179 -25.65 -40.80 8.28
CA HIS B 179 -24.90 -39.82 7.52
C HIS B 179 -25.73 -39.40 6.32
N THR B 180 -26.07 -38.12 6.26
CA THR B 180 -26.69 -37.52 5.08
C THR B 180 -25.66 -36.57 4.50
N PHE B 181 -24.91 -37.06 3.51
CA PHE B 181 -23.84 -36.28 2.94
C PHE B 181 -24.40 -35.07 2.20
N PRO B 182 -23.67 -33.96 2.19
CA PRO B 182 -24.12 -32.79 1.43
C PRO B 182 -24.29 -33.13 -0.04
N ALA B 183 -25.38 -32.63 -0.63
CA ALA B 183 -25.70 -32.95 -2.01
C ALA B 183 -24.72 -32.29 -2.96
N VAL B 184 -24.45 -32.97 -4.08
CA VAL B 184 -23.47 -32.56 -5.07
C VAL B 184 -24.18 -32.13 -6.32
N LEU B 185 -23.80 -30.97 -6.86
CA LEU B 185 -24.30 -30.52 -8.16
C LEU B 185 -23.83 -31.48 -9.24
N GLN B 186 -24.77 -32.21 -9.84
CA GLN B 186 -24.44 -33.07 -10.95
C GLN B 186 -23.96 -32.25 -12.14
N SER B 187 -23.43 -32.94 -13.16
CA SER B 187 -22.90 -32.27 -14.33
C SER B 187 -23.96 -31.51 -15.11
N SER B 188 -25.24 -31.87 -14.94
CA SER B 188 -26.34 -31.23 -15.64
C SER B 188 -27.04 -30.19 -14.77
N GLY B 189 -26.34 -29.61 -13.79
CA GLY B 189 -26.96 -28.67 -12.88
C GLY B 189 -28.07 -29.27 -12.06
N LEU B 190 -27.84 -30.46 -11.50
CA LEU B 190 -28.88 -31.20 -10.81
C LEU B 190 -28.26 -31.81 -9.56
N TYR B 191 -29.10 -32.31 -8.65
CA TYR B 191 -28.67 -32.64 -7.30
C TYR B 191 -28.83 -34.13 -7.00
N SER B 192 -27.89 -34.66 -6.24
CA SER B 192 -27.88 -36.08 -5.89
C SER B 192 -27.08 -36.26 -4.61
N LEU B 193 -27.65 -36.98 -3.65
CA LEU B 193 -26.97 -37.28 -2.40
C LEU B 193 -27.31 -38.69 -1.96
N SER B 194 -26.51 -39.19 -1.01
CA SER B 194 -26.69 -40.52 -0.42
C SER B 194 -26.99 -40.34 1.05
N SER B 195 -27.95 -41.11 1.58
CA SER B 195 -28.22 -41.12 3.00
C SER B 195 -28.06 -42.55 3.51
N VAL B 196 -27.11 -42.75 4.42
CA VAL B 196 -26.73 -44.08 4.88
C VAL B 196 -26.83 -44.12 6.39
N VAL B 197 -26.94 -45.34 6.93
CA VAL B 197 -26.97 -45.57 8.37
C VAL B 197 -26.05 -46.74 8.70
N THR B 198 -25.27 -46.59 9.77
CA THR B 198 -24.35 -47.62 10.22
C THR B 198 -25.05 -48.51 11.23
N VAL B 199 -25.17 -49.80 10.90
CA VAL B 199 -25.95 -50.75 11.68
C VAL B 199 -25.16 -52.04 11.81
N PRO B 200 -25.47 -52.85 12.83
CA PRO B 200 -24.77 -54.12 13.00
C PRO B 200 -25.38 -55.23 12.16
N SER B 201 -24.51 -56.07 11.61
CA SER B 201 -24.95 -57.21 10.82
C SER B 201 -25.67 -58.26 11.64
N SER B 202 -25.65 -58.15 12.97
CA SER B 202 -26.37 -59.07 13.83
C SER B 202 -27.86 -58.74 13.93
N SER B 203 -28.29 -57.60 13.40
CA SER B 203 -29.70 -57.22 13.34
C SER B 203 -30.10 -56.84 11.92
N LEU B 204 -29.72 -57.66 10.94
CA LEU B 204 -30.06 -57.37 9.55
C LEU B 204 -31.54 -57.58 9.29
N GLY B 205 -32.01 -58.82 9.46
CA GLY B 205 -33.36 -59.20 9.10
C GLY B 205 -34.41 -59.00 10.17
N THR B 206 -34.06 -58.37 11.29
CA THR B 206 -34.99 -58.16 12.38
C THR B 206 -35.28 -56.70 12.66
N GLN B 207 -34.44 -55.77 12.19
CA GLN B 207 -34.64 -54.35 12.39
C GLN B 207 -35.03 -53.70 11.06
N THR B 208 -36.17 -53.00 11.06
CA THR B 208 -36.70 -52.42 9.84
C THR B 208 -35.89 -51.19 9.43
N TYR B 209 -35.67 -51.04 8.13
CA TYR B 209 -34.96 -49.91 7.56
C TYR B 209 -35.83 -49.22 6.53
N ILE B 210 -36.16 -47.96 6.79
CA ILE B 210 -36.93 -47.13 5.88
C ILE B 210 -36.19 -45.80 5.77
N CYS B 211 -36.37 -45.12 4.64
CA CYS B 211 -35.94 -43.73 4.54
C CYS B 211 -37.10 -42.91 3.98
N ASN B 212 -37.69 -42.08 4.82
CA ASN B 212 -38.67 -41.09 4.40
C ASN B 212 -37.91 -39.89 3.85
N VAL B 213 -37.97 -39.70 2.54
CA VAL B 213 -37.30 -38.60 1.85
C VAL B 213 -38.35 -37.60 1.42
N ASN B 214 -38.07 -36.33 1.68
CA ASN B 214 -39.02 -35.24 1.52
C ASN B 214 -38.40 -34.11 0.73
N HIS B 215 -39.20 -33.51 -0.16
CA HIS B 215 -38.75 -32.42 -1.01
C HIS B 215 -39.96 -31.54 -1.29
N LYS B 216 -40.08 -30.44 -0.55
CA LYS B 216 -41.24 -29.56 -0.70
C LYS B 216 -41.36 -28.92 -2.08
N PRO B 217 -40.31 -28.39 -2.70
CA PRO B 217 -40.50 -27.78 -4.03
C PRO B 217 -41.03 -28.76 -5.07
N SER B 218 -40.80 -30.06 -4.91
CA SER B 218 -41.41 -31.06 -5.77
C SER B 218 -42.49 -31.87 -5.04
N ASN B 219 -42.74 -31.60 -3.76
CA ASN B 219 -43.74 -32.32 -2.97
C ASN B 219 -43.52 -33.83 -3.03
N THR B 220 -42.26 -34.24 -2.90
CA THR B 220 -41.90 -35.65 -2.92
C THR B 220 -41.81 -36.17 -1.50
N LYS B 221 -42.73 -37.06 -1.13
CA LYS B 221 -42.76 -37.72 0.18
C LYS B 221 -42.72 -39.22 -0.09
N VAL B 222 -41.52 -39.79 -0.17
CA VAL B 222 -41.35 -41.20 -0.50
C VAL B 222 -40.74 -41.93 0.69
N ASP B 223 -41.41 -42.99 1.13
CA ASP B 223 -40.94 -43.80 2.26
C ASP B 223 -40.34 -45.08 1.68
N LYS B 224 -39.06 -45.03 1.34
CA LYS B 224 -38.43 -46.12 0.62
C LYS B 224 -37.98 -47.22 1.57
N ARG B 225 -38.37 -48.46 1.25
CA ARG B 225 -37.97 -49.63 2.00
C ARG B 225 -36.54 -50.02 1.65
N VAL B 226 -35.69 -50.20 2.65
CA VAL B 226 -34.37 -50.77 2.45
C VAL B 226 -34.38 -52.15 3.09
N GLU B 227 -33.92 -53.15 2.34
CA GLU B 227 -33.91 -54.53 2.80
C GLU B 227 -32.64 -55.20 2.32
N PRO B 228 -32.19 -56.26 2.99
CA PRO B 228 -30.98 -56.95 2.55
C PRO B 228 -31.22 -57.72 1.27
N LYS B 229 -30.33 -57.54 0.31
CA LYS B 229 -30.37 -58.25 -0.96
C LYS B 229 -29.19 -59.20 -1.03
N SER B 230 -29.48 -60.49 -1.18
CA SER B 230 -28.45 -61.52 -1.23
C SER B 230 -28.01 -61.75 -2.67
N CYS B 231 -27.24 -62.80 -2.89
CA CYS B 231 -26.77 -63.15 -4.22
C CYS B 231 -27.60 -64.30 -4.81
N GLU C 1 -6.12 -3.95 -5.43
CA GLU C 1 -7.01 -4.62 -4.49
C GLU C 1 -6.22 -5.29 -3.37
N ILE C 2 -6.66 -5.11 -2.14
CA ILE C 2 -5.99 -5.71 -0.98
C ILE C 2 -6.39 -7.17 -0.88
N VAL C 3 -5.40 -8.05 -0.78
CA VAL C 3 -5.62 -9.48 -0.66
C VAL C 3 -5.11 -9.92 0.71
N LEU C 4 -5.96 -10.60 1.46
CA LEU C 4 -5.64 -11.07 2.80
C LEU C 4 -5.47 -12.59 2.74
N THR C 5 -4.30 -13.07 3.13
CA THR C 5 -3.96 -14.48 3.12
C THR C 5 -3.91 -14.99 4.55
N GLN C 6 -4.73 -15.98 4.86
CA GLN C 6 -4.78 -16.57 6.19
C GLN C 6 -3.84 -17.77 6.28
N SER C 7 -3.43 -18.09 7.50
CA SER C 7 -2.55 -19.20 7.75
C SER C 7 -2.78 -19.73 9.16
N PRO C 8 -2.80 -21.06 9.35
CA PRO C 8 -2.68 -22.05 8.28
C PRO C 8 -4.00 -22.29 7.57
N GLY C 9 -3.96 -23.00 6.44
CA GLY C 9 -5.19 -23.34 5.73
C GLY C 9 -6.11 -24.19 6.57
N THR C 10 -5.55 -25.17 7.27
CA THR C 10 -6.31 -26.03 8.17
C THR C 10 -5.55 -26.12 9.49
N LEU C 11 -6.30 -26.34 10.57
CA LEU C 11 -5.73 -26.30 11.90
C LEU C 11 -6.53 -27.21 12.83
N SER C 12 -5.83 -28.10 13.53
CA SER C 12 -6.46 -29.07 14.41
C SER C 12 -5.79 -29.01 15.77
N LEU C 13 -6.59 -28.80 16.82
CA LEU C 13 -6.07 -28.68 18.18
C LEU C 13 -7.13 -29.15 19.16
N SER C 14 -6.82 -30.17 19.95
CA SER C 14 -7.74 -30.67 20.96
C SER C 14 -8.00 -29.59 22.02
N PRO C 15 -9.17 -29.62 22.66
CA PRO C 15 -9.49 -28.56 23.64
C PRO C 15 -8.47 -28.48 24.75
N GLY C 16 -8.17 -27.23 25.16
CA GLY C 16 -7.31 -26.95 26.29
C GLY C 16 -6.05 -26.19 25.92
N GLU C 17 -5.61 -26.29 24.67
CA GLU C 17 -4.33 -25.74 24.26
C GLU C 17 -4.52 -24.43 23.49
N ARG C 18 -3.43 -23.92 22.93
CA ARG C 18 -3.35 -22.56 22.40
C ARG C 18 -3.59 -22.58 20.90
N ALA C 19 -4.45 -21.67 20.43
CA ALA C 19 -4.76 -21.55 19.01
C ALA C 19 -4.21 -20.24 18.47
N THR C 20 -3.50 -20.31 17.36
CA THR C 20 -2.89 -19.13 16.73
C THR C 20 -3.28 -19.09 15.26
N LEU C 21 -3.77 -17.94 14.81
CA LEU C 21 -4.15 -17.73 13.42
C LEU C 21 -3.48 -16.46 12.91
N SER C 22 -3.04 -16.47 11.67
CA SER C 22 -2.34 -15.32 11.10
C SER C 22 -3.02 -14.87 9.81
N CYS C 23 -2.94 -13.57 9.56
CA CYS C 23 -3.53 -12.95 8.38
C CYS C 23 -2.55 -11.90 7.88
N ARG C 24 -2.11 -12.07 6.63
CA ARG C 24 -1.12 -11.19 6.02
C ARG C 24 -1.76 -10.45 4.86
N ALA C 25 -1.58 -9.13 4.82
CA ALA C 25 -2.20 -8.27 3.82
C ALA C 25 -1.21 -7.93 2.73
N SER C 26 -1.69 -7.92 1.47
CA SER C 26 -0.83 -7.58 0.35
C SER C 26 -0.32 -6.15 0.46
N GLN C 27 -1.19 -5.22 0.82
CA GLN C 27 -0.81 -3.82 1.01
C GLN C 27 -0.77 -3.50 2.49
N SER C 28 -0.44 -2.26 2.81
CA SER C 28 -0.33 -1.79 4.19
C SER C 28 -1.43 -0.78 4.47
N PHE C 29 -2.21 -1.03 5.51
CA PHE C 29 -3.24 -0.11 5.96
C PHE C 29 -3.21 -0.03 7.48
N ASP C 30 -4.01 0.89 8.01
CA ASP C 30 -4.07 1.07 9.45
C ASP C 30 -4.61 -0.20 10.13
N SER C 31 -4.09 -0.49 11.32
CA SER C 31 -4.48 -1.70 12.02
C SER C 31 -5.93 -1.67 12.46
N ARG C 32 -6.57 -0.51 12.46
CA ARG C 32 -7.96 -0.38 12.88
C ARG C 32 -8.95 -0.77 11.79
N TYR C 33 -8.46 -1.19 10.63
CA TYR C 33 -9.31 -1.59 9.51
C TYR C 33 -9.54 -3.09 9.41
N LEU C 34 -8.98 -3.89 10.30
CA LEU C 34 -9.05 -5.35 10.15
C LEU C 34 -9.84 -5.96 11.29
N GLY C 35 -10.79 -6.82 10.94
CA GLY C 35 -11.59 -7.52 11.92
C GLY C 35 -11.57 -9.02 11.67
N TRP C 36 -11.97 -9.75 12.72
CA TRP C 36 -12.01 -11.20 12.71
C TRP C 36 -13.43 -11.67 13.00
N TYR C 37 -13.93 -12.56 12.16
CA TYR C 37 -15.27 -13.13 12.27
C TYR C 37 -15.19 -14.64 12.39
N GLN C 38 -16.16 -15.21 13.10
CA GLN C 38 -16.23 -16.66 13.31
C GLN C 38 -17.55 -17.16 12.74
N GLN C 39 -17.47 -18.20 11.91
CA GLN C 39 -18.63 -18.83 11.31
C GLN C 39 -18.62 -20.32 11.64
N LYS C 40 -19.68 -20.79 12.27
CA LYS C 40 -19.77 -22.19 12.66
C LYS C 40 -20.38 -23.02 11.52
N SER C 41 -20.59 -24.30 11.78
CA SER C 41 -21.10 -25.22 10.78
C SER C 41 -22.54 -24.85 10.43
N GLY C 42 -22.76 -24.35 9.21
CA GLY C 42 -24.10 -23.98 8.78
C GLY C 42 -24.71 -22.84 9.57
N GLN C 43 -23.94 -21.78 9.81
CA GLN C 43 -24.41 -20.65 10.60
C GLN C 43 -23.98 -19.36 9.92
N ALA C 44 -24.69 -18.28 10.23
CA ALA C 44 -24.27 -16.97 9.78
C ALA C 44 -23.03 -16.52 10.55
N PRO C 45 -22.04 -15.95 9.89
CA PRO C 45 -20.84 -15.49 10.61
C PRO C 45 -21.20 -14.42 11.64
N ARG C 46 -20.50 -14.46 12.77
CA ARG C 46 -20.72 -13.52 13.85
C ARG C 46 -19.42 -12.79 14.16
N LEU C 47 -19.53 -11.50 14.47
CA LEU C 47 -18.35 -10.69 14.74
C LEU C 47 -17.64 -11.20 15.99
N LEU C 48 -16.31 -11.25 15.91
CA LEU C 48 -15.48 -11.72 17.00
C LEU C 48 -14.57 -10.64 17.53
N ILE C 49 -13.85 -9.93 16.65
CA ILE C 49 -12.94 -8.86 17.04
C ILE C 49 -12.98 -7.78 15.97
N TYR C 50 -13.01 -6.52 16.41
CA TYR C 50 -12.93 -5.40 15.49
C TYR C 50 -11.74 -4.53 15.84
N GLY C 51 -11.21 -3.83 14.84
CA GLY C 51 -10.03 -3.02 15.04
C GLY C 51 -8.75 -3.79 15.28
N ALA C 52 -8.80 -5.11 15.10
CA ALA C 52 -7.65 -6.03 15.20
C ALA C 52 -7.20 -6.24 16.63
N SER C 53 -7.72 -5.45 17.58
CA SER C 53 -7.42 -5.69 18.99
C SER C 53 -8.59 -5.42 19.92
N SER C 54 -9.75 -5.01 19.43
CA SER C 54 -10.88 -4.64 20.28
C SER C 54 -11.91 -5.76 20.22
N ARG C 55 -12.06 -6.46 21.34
CA ARG C 55 -12.99 -7.58 21.41
C ARG C 55 -14.43 -7.10 21.29
N ALA C 56 -15.23 -7.84 20.52
CA ALA C 56 -16.62 -7.51 20.34
C ALA C 56 -17.39 -7.71 21.65
N THR C 57 -18.59 -7.14 21.70
CA THR C 57 -19.42 -7.23 22.90
C THR C 57 -19.91 -8.65 23.11
N GLY C 58 -19.74 -9.16 24.33
CA GLY C 58 -20.18 -10.48 24.69
C GLY C 58 -19.20 -11.59 24.41
N ILE C 59 -18.18 -11.33 23.60
CA ILE C 59 -17.18 -12.36 23.29
C ILE C 59 -16.29 -12.60 24.51
N PRO C 60 -16.07 -13.84 24.92
CA PRO C 60 -15.28 -14.10 26.13
C PRO C 60 -13.82 -13.71 25.92
N ASP C 61 -13.14 -13.48 27.05
CA ASP C 61 -11.75 -13.02 27.06
C ASP C 61 -10.77 -14.02 26.48
N ARG C 62 -11.24 -15.20 26.05
CA ARG C 62 -10.35 -16.19 25.46
C ARG C 62 -9.85 -15.75 24.08
N PHE C 63 -10.50 -14.78 23.45
CA PHE C 63 -10.11 -14.31 22.13
C PHE C 63 -9.34 -12.99 22.25
N SER C 64 -8.19 -12.93 21.59
CA SER C 64 -7.38 -11.72 21.57
C SER C 64 -6.83 -11.51 20.17
N GLY C 65 -6.50 -10.27 19.87
CA GLY C 65 -5.94 -9.92 18.58
C GLY C 65 -4.73 -9.02 18.72
N SER C 66 -3.79 -9.16 17.79
CA SER C 66 -2.59 -8.35 17.78
C SER C 66 -2.20 -8.06 16.34
N GLY C 67 -2.11 -6.79 15.98
CA GLY C 67 -1.85 -6.42 14.60
C GLY C 67 -0.74 -5.39 14.48
N SER C 68 -0.01 -5.46 13.38
CA SER C 68 1.06 -4.50 13.10
C SER C 68 1.33 -4.53 11.61
N GLY C 69 1.26 -3.37 10.97
CA GLY C 69 1.54 -3.27 9.55
C GLY C 69 0.72 -4.20 8.69
N THR C 70 1.37 -5.19 8.10
CA THR C 70 0.71 -6.18 7.23
C THR C 70 0.72 -7.57 7.85
N ASP C 71 0.75 -7.64 9.18
CA ASP C 71 0.75 -8.93 9.88
C ASP C 71 -0.20 -8.83 11.05
N PHE C 72 -1.23 -9.69 11.07
CA PHE C 72 -2.22 -9.69 12.13
C PHE C 72 -2.39 -11.11 12.64
N THR C 73 -2.66 -11.25 13.93
CA THR C 73 -2.81 -12.56 14.53
C THR C 73 -3.99 -12.56 15.48
N LEU C 74 -4.70 -13.69 15.48
CA LEU C 74 -5.78 -13.97 16.40
C LEU C 74 -5.37 -15.12 17.30
N THR C 75 -5.41 -14.90 18.60
CA THR C 75 -4.98 -15.88 19.59
C THR C 75 -6.17 -16.31 20.42
N ILE C 76 -6.32 -17.63 20.59
CA ILE C 76 -7.32 -18.21 21.47
C ILE C 76 -6.56 -18.95 22.57
N SER C 77 -6.66 -18.44 23.79
CA SER C 77 -5.91 -19.03 24.90
C SER C 77 -6.55 -20.33 25.36
N ARG C 78 -7.78 -20.25 25.85
CA ARG C 78 -8.56 -21.43 26.20
C ARG C 78 -9.56 -21.67 25.09
N LEU C 79 -9.45 -22.80 24.40
CA LEU C 79 -10.39 -23.16 23.36
C LEU C 79 -11.23 -24.32 23.86
N GLU C 80 -12.54 -24.14 23.86
CA GLU C 80 -13.52 -25.06 24.38
C GLU C 80 -14.06 -25.95 23.28
N PRO C 81 -14.79 -27.02 23.61
CA PRO C 81 -15.33 -27.88 22.56
C PRO C 81 -16.25 -27.16 21.59
N GLU C 82 -16.88 -26.07 22.01
CA GLU C 82 -17.79 -25.31 21.17
C GLU C 82 -17.09 -24.20 20.39
N ASP C 83 -15.76 -24.21 20.35
CA ASP C 83 -14.99 -23.12 19.76
C ASP C 83 -14.32 -23.51 18.45
N PHE C 84 -14.83 -24.54 17.77
CA PHE C 84 -14.25 -25.03 16.53
C PHE C 84 -15.13 -24.57 15.37
N ALA C 85 -14.59 -23.69 14.53
CA ALA C 85 -15.34 -23.09 13.44
C ALA C 85 -14.36 -22.60 12.38
N VAL C 86 -14.85 -21.80 11.45
CA VAL C 86 -14.03 -21.18 10.41
C VAL C 86 -13.85 -19.71 10.76
N TYR C 87 -12.63 -19.21 10.63
CA TYR C 87 -12.31 -17.85 11.06
C TYR C 87 -11.83 -17.03 9.86
N TYR C 88 -12.47 -15.88 9.67
CA TYR C 88 -12.18 -15.00 8.54
C TYR C 88 -11.59 -13.68 9.04
N CYS C 89 -10.53 -13.23 8.39
CA CYS C 89 -10.03 -11.88 8.58
C CYS C 89 -10.51 -11.03 7.41
N GLN C 90 -11.00 -9.82 7.70
CA GLN C 90 -11.48 -8.95 6.65
C GLN C 90 -11.02 -7.52 6.94
N GLN C 91 -11.00 -6.71 5.89
CA GLN C 91 -10.45 -5.36 5.98
C GLN C 91 -11.47 -4.34 5.49
N PHE C 92 -11.40 -3.15 6.08
CA PHE C 92 -12.15 -1.99 5.61
C PHE C 92 -11.24 -0.90 5.08
N GLY C 93 -10.04 -1.27 4.63
CA GLY C 93 -9.06 -0.30 4.18
C GLY C 93 -9.41 0.35 2.86
N ASP C 94 -9.57 -0.45 1.81
CA ASP C 94 -9.85 0.06 0.48
C ASP C 94 -11.01 -0.72 -0.12
N SER C 95 -11.85 -0.02 -0.87
CA SER C 95 -12.91 -0.69 -1.60
C SER C 95 -12.32 -1.49 -2.76
N PRO C 96 -12.82 -2.70 -3.02
CA PRO C 96 -13.85 -3.37 -2.24
C PRO C 96 -13.31 -3.99 -0.96
N PHE C 97 -14.15 -4.06 0.08
CA PHE C 97 -13.74 -4.71 1.31
C PHE C 97 -13.71 -6.22 1.10
N THR C 98 -12.59 -6.84 1.47
CA THR C 98 -12.35 -8.24 1.17
C THR C 98 -12.19 -9.04 2.46
N PHE C 99 -12.67 -10.28 2.42
CA PHE C 99 -12.47 -11.23 3.50
C PHE C 99 -11.26 -12.11 3.20
N GLY C 100 -10.85 -12.87 4.20
CA GLY C 100 -9.86 -13.90 3.98
C GLY C 100 -10.49 -15.18 3.47
N GLN C 101 -9.63 -16.11 3.05
CA GLN C 101 -10.13 -17.39 2.57
C GLN C 101 -10.71 -18.23 3.71
N GLY C 102 -10.32 -17.96 4.95
CA GLY C 102 -10.83 -18.70 6.09
C GLY C 102 -9.83 -19.70 6.64
N THR C 103 -10.08 -20.13 7.87
CA THR C 103 -9.25 -21.12 8.54
C THR C 103 -10.15 -22.02 9.37
N LYS C 104 -10.18 -23.30 9.03
CA LYS C 104 -11.05 -24.26 9.69
C LYS C 104 -10.33 -24.84 10.91
N LEU C 105 -10.85 -24.53 12.11
CA LEU C 105 -10.32 -25.13 13.33
C LEU C 105 -10.94 -26.50 13.55
N GLU C 106 -10.09 -27.50 13.78
CA GLU C 106 -10.50 -28.89 13.76
C GLU C 106 -10.28 -29.53 15.12
N ILE C 107 -11.13 -30.50 15.46
CA ILE C 107 -11.04 -31.23 16.72
C ILE C 107 -10.06 -32.38 16.52
N LYS C 108 -8.92 -32.33 17.20
CA LYS C 108 -7.89 -33.34 17.05
C LYS C 108 -8.29 -34.63 17.76
N ARG C 109 -7.76 -35.74 17.27
CA ARG C 109 -8.00 -37.05 17.87
C ARG C 109 -6.93 -38.01 17.36
N THR C 110 -6.94 -39.23 17.89
CA THR C 110 -6.03 -40.26 17.43
C THR C 110 -6.47 -40.78 16.06
N VAL C 111 -5.49 -41.32 15.32
CA VAL C 111 -5.73 -41.73 13.94
C VAL C 111 -6.54 -43.01 13.89
N ALA C 112 -7.55 -43.03 13.02
CA ALA C 112 -8.39 -44.20 12.80
C ALA C 112 -8.55 -44.46 11.31
N ALA C 113 -8.73 -45.74 10.96
CA ALA C 113 -8.86 -46.22 9.59
C ALA C 113 -10.31 -46.19 9.14
N PRO C 114 -10.57 -45.82 7.89
CA PRO C 114 -11.96 -45.76 7.40
C PRO C 114 -12.46 -47.11 6.93
N SER C 115 -13.59 -47.54 7.47
CA SER C 115 -14.30 -48.68 6.89
C SER C 115 -14.69 -48.35 5.46
N VAL C 116 -14.43 -49.27 4.54
CA VAL C 116 -14.68 -49.09 3.12
C VAL C 116 -15.76 -50.08 2.71
N PHE C 117 -16.91 -49.56 2.27
CA PHE C 117 -18.05 -50.38 1.88
C PHE C 117 -18.52 -49.97 0.50
N ILE C 118 -19.20 -50.90 -0.18
CA ILE C 118 -19.62 -50.70 -1.56
C ILE C 118 -21.09 -51.07 -1.68
N PHE C 119 -21.85 -50.25 -2.40
CA PHE C 119 -23.27 -50.50 -2.61
C PHE C 119 -23.59 -50.39 -4.08
N PRO C 120 -24.21 -51.42 -4.67
CA PRO C 120 -24.55 -51.38 -6.11
C PRO C 120 -25.86 -50.67 -6.34
N PRO C 121 -26.18 -50.33 -7.60
CA PRO C 121 -27.49 -49.74 -7.89
C PRO C 121 -28.62 -50.74 -7.74
N SER C 122 -29.82 -50.21 -7.54
CA SER C 122 -31.03 -51.01 -7.46
C SER C 122 -31.55 -51.37 -8.85
N ASP C 123 -32.49 -52.31 -8.89
CA ASP C 123 -33.09 -52.71 -10.17
C ASP C 123 -33.81 -51.54 -10.83
N GLU C 124 -34.40 -50.65 -10.03
CA GLU C 124 -34.98 -49.44 -10.59
C GLU C 124 -33.92 -48.59 -11.27
N GLN C 125 -32.70 -48.58 -10.72
CA GLN C 125 -31.63 -47.80 -11.31
C GLN C 125 -30.94 -48.55 -12.45
N LEU C 126 -31.11 -49.87 -12.51
CA LEU C 126 -30.84 -50.60 -13.73
C LEU C 126 -31.94 -50.39 -14.77
N LYS C 127 -33.07 -49.82 -14.36
CA LYS C 127 -34.17 -49.52 -15.27
C LYS C 127 -34.15 -48.07 -15.76
N SER C 128 -33.53 -47.16 -15.01
CA SER C 128 -33.58 -45.74 -15.37
C SER C 128 -32.67 -45.38 -16.53
N GLY C 129 -31.82 -46.30 -17.00
CA GLY C 129 -30.88 -46.00 -18.05
C GLY C 129 -29.56 -45.41 -17.58
N THR C 130 -29.39 -45.23 -16.27
CA THR C 130 -28.14 -44.75 -15.69
C THR C 130 -27.97 -45.41 -14.33
N ALA C 131 -26.83 -46.07 -14.14
CA ALA C 131 -26.57 -46.84 -12.93
C ALA C 131 -25.37 -46.26 -12.19
N SER C 132 -25.55 -46.02 -10.89
CA SER C 132 -24.50 -45.49 -10.04
C SER C 132 -24.20 -46.46 -8.92
N VAL C 133 -22.91 -46.63 -8.63
CA VAL C 133 -22.42 -47.48 -7.56
C VAL C 133 -21.66 -46.62 -6.57
N VAL C 134 -21.96 -46.76 -5.28
CA VAL C 134 -21.48 -45.82 -4.28
C VAL C 134 -20.49 -46.49 -3.34
N CYS C 135 -19.38 -45.80 -3.09
CA CYS C 135 -18.25 -46.31 -2.31
C CYS C 135 -18.10 -45.40 -1.10
N LEU C 136 -18.19 -45.98 0.09
CA LEU C 136 -18.25 -45.22 1.34
C LEU C 136 -17.03 -45.50 2.19
N LEU C 137 -16.40 -44.43 2.69
CA LEU C 137 -15.27 -44.50 3.60
C LEU C 137 -15.64 -43.78 4.88
N ASN C 138 -15.74 -44.50 5.98
CA ASN C 138 -16.30 -43.96 7.21
C ASN C 138 -15.30 -44.07 8.35
N ASN C 139 -15.49 -43.19 9.35
CA ASN C 139 -14.80 -43.27 10.64
C ASN C 139 -13.28 -43.20 10.47
N PHE C 140 -12.82 -42.06 9.97
CA PHE C 140 -11.40 -41.86 9.75
C PHE C 140 -10.99 -40.46 10.20
N TYR C 141 -9.69 -40.32 10.46
CA TYR C 141 -9.09 -39.06 10.83
C TYR C 141 -7.61 -39.12 10.47
N PRO C 142 -7.04 -38.06 9.88
CA PRO C 142 -7.67 -36.78 9.55
C PRO C 142 -8.55 -36.81 8.30
N ARG C 143 -8.91 -35.62 7.83
CA ARG C 143 -9.82 -35.50 6.69
C ARG C 143 -9.20 -36.03 5.40
N GLU C 144 -7.88 -36.03 5.30
CA GLU C 144 -7.22 -36.37 4.05
C GLU C 144 -7.35 -37.86 3.74
N ALA C 145 -7.93 -38.16 2.58
CA ALA C 145 -8.02 -39.52 2.08
C ALA C 145 -8.11 -39.46 0.56
N LYS C 146 -7.81 -40.59 -0.08
CA LYS C 146 -7.88 -40.70 -1.53
C LYS C 146 -8.56 -42.00 -1.92
N VAL C 147 -9.44 -41.92 -2.92
CA VAL C 147 -10.13 -43.09 -3.44
C VAL C 147 -9.99 -43.09 -4.95
N GLN C 148 -9.70 -44.26 -5.52
CA GLN C 148 -9.62 -44.42 -6.97
C GLN C 148 -10.51 -45.56 -7.41
N TRP C 149 -11.29 -45.32 -8.45
CA TRP C 149 -12.25 -46.28 -8.95
C TRP C 149 -11.64 -47.05 -10.13
N LYS C 150 -11.99 -48.34 -10.22
CA LYS C 150 -11.45 -49.23 -11.24
C LYS C 150 -12.57 -50.08 -11.81
N VAL C 151 -12.79 -49.97 -13.12
CA VAL C 151 -13.75 -50.80 -13.82
C VAL C 151 -12.95 -51.89 -14.54
N ASP C 152 -13.12 -53.13 -14.11
CA ASP C 152 -12.29 -54.25 -14.55
C ASP C 152 -10.80 -53.93 -14.36
N ASN C 153 -10.48 -53.42 -13.18
CA ASN C 153 -9.11 -53.08 -12.78
C ASN C 153 -8.50 -52.02 -13.71
N ALA C 154 -9.33 -51.13 -14.25
CA ALA C 154 -8.88 -50.04 -15.09
C ALA C 154 -9.23 -48.72 -14.42
N LEU C 155 -8.23 -47.85 -14.25
CA LEU C 155 -8.41 -46.63 -13.48
C LEU C 155 -9.45 -45.73 -14.11
N GLN C 156 -10.23 -45.06 -13.27
CA GLN C 156 -11.29 -44.15 -13.70
C GLN C 156 -10.93 -42.72 -13.30
N SER C 157 -11.26 -41.78 -14.18
CA SER C 157 -10.99 -40.37 -13.91
C SER C 157 -12.00 -39.52 -14.66
N GLY C 158 -12.61 -38.57 -13.95
CA GLY C 158 -13.57 -37.66 -14.55
C GLY C 158 -14.98 -38.19 -14.67
N ASN C 159 -15.24 -39.41 -14.19
CA ASN C 159 -16.57 -40.03 -14.28
C ASN C 159 -17.16 -40.34 -12.92
N SER C 160 -16.63 -39.75 -11.85
CA SER C 160 -17.10 -39.99 -10.50
C SER C 160 -17.26 -38.67 -9.75
N GLN C 161 -18.06 -38.71 -8.69
CA GLN C 161 -18.33 -37.55 -7.86
C GLN C 161 -18.04 -37.89 -6.40
N GLU C 162 -17.75 -36.85 -5.62
CA GLU C 162 -17.31 -37.00 -4.24
C GLU C 162 -18.17 -36.13 -3.32
N SER C 163 -18.34 -36.59 -2.08
CA SER C 163 -19.03 -35.80 -1.06
C SER C 163 -18.57 -36.26 0.32
N VAL C 164 -17.89 -35.37 1.04
CA VAL C 164 -17.39 -35.64 2.39
C VAL C 164 -18.26 -34.87 3.38
N THR C 165 -18.64 -35.54 4.46
CA THR C 165 -19.47 -34.90 5.47
C THR C 165 -18.62 -34.14 6.49
N GLU C 166 -19.30 -33.37 7.33
CA GLU C 166 -18.63 -32.58 8.35
C GLU C 166 -18.25 -33.46 9.54
N GLN C 167 -17.52 -32.86 10.48
CA GLN C 167 -17.10 -33.59 11.67
C GLN C 167 -18.30 -33.98 12.52
N ASP C 168 -18.28 -35.21 13.04
CA ASP C 168 -19.36 -35.66 13.90
C ASP C 168 -19.34 -34.91 15.23
N SER C 169 -20.49 -34.91 15.90
CA SER C 169 -20.63 -34.22 17.17
C SER C 169 -20.21 -35.07 18.37
N LYS C 170 -19.92 -36.34 18.16
CA LYS C 170 -19.58 -37.24 19.26
C LYS C 170 -18.24 -37.96 19.09
N ASP C 171 -17.84 -38.29 17.87
CA ASP C 171 -16.63 -39.07 17.64
C ASP C 171 -15.54 -38.35 16.86
N SER C 172 -15.81 -37.16 16.34
CA SER C 172 -14.83 -36.30 15.67
C SER C 172 -14.17 -36.97 14.46
N THR C 173 -14.70 -38.08 14.00
CA THR C 173 -14.20 -38.71 12.78
C THR C 173 -14.87 -38.08 11.56
N TYR C 174 -14.45 -38.51 10.38
CA TYR C 174 -15.03 -38.04 9.13
C TYR C 174 -15.69 -39.20 8.39
N SER C 175 -16.59 -38.86 7.48
CA SER C 175 -17.19 -39.83 6.58
C SER C 175 -17.22 -39.25 5.17
N LEU C 176 -17.23 -40.14 4.17
CA LEU C 176 -17.14 -39.74 2.78
C LEU C 176 -17.90 -40.76 1.94
N SER C 177 -18.59 -40.27 0.90
CA SER C 177 -19.24 -41.12 -0.09
C SER C 177 -18.86 -40.62 -1.47
N SER C 178 -18.41 -41.54 -2.32
CA SER C 178 -18.06 -41.23 -3.70
C SER C 178 -18.89 -42.11 -4.62
N THR C 179 -19.59 -41.49 -5.57
CA THR C 179 -20.43 -42.22 -6.51
C THR C 179 -19.72 -42.34 -7.85
N LEU C 180 -19.93 -43.48 -8.50
CA LEU C 180 -19.49 -43.69 -9.88
C LEU C 180 -20.73 -43.94 -10.73
N THR C 181 -20.94 -43.07 -11.71
CA THR C 181 -22.13 -43.13 -12.56
C THR C 181 -21.73 -43.62 -13.95
N LEU C 182 -22.47 -44.58 -14.48
CA LEU C 182 -22.22 -45.14 -15.80
C LEU C 182 -23.57 -45.42 -16.46
N SER C 183 -23.50 -45.82 -17.72
CA SER C 183 -24.67 -46.26 -18.47
C SER C 183 -24.70 -47.78 -18.52
N LYS C 184 -25.65 -48.34 -19.27
CA LYS C 184 -25.69 -49.79 -19.40
C LYS C 184 -24.61 -50.28 -20.34
N ALA C 185 -24.30 -49.51 -21.38
CA ALA C 185 -23.21 -49.84 -22.28
C ALA C 185 -21.88 -49.93 -21.54
N ASP C 186 -21.76 -49.32 -20.37
CA ASP C 186 -20.57 -49.45 -19.54
C ASP C 186 -20.74 -50.40 -18.37
N TYR C 187 -21.95 -50.49 -17.81
CA TYR C 187 -22.15 -51.32 -16.63
C TYR C 187 -22.20 -52.81 -16.99
N GLU C 188 -22.70 -53.15 -18.17
CA GLU C 188 -22.72 -54.55 -18.61
C GLU C 188 -21.64 -54.86 -19.63
N LYS C 189 -20.66 -53.97 -19.81
CA LYS C 189 -19.51 -54.27 -20.66
C LYS C 189 -18.29 -54.73 -19.89
N HIS C 190 -18.39 -54.85 -18.56
CA HIS C 190 -17.27 -55.27 -17.74
C HIS C 190 -17.78 -56.16 -16.60
N LYS C 191 -16.87 -56.59 -15.75
CA LYS C 191 -17.15 -57.53 -14.68
C LYS C 191 -16.79 -57.02 -13.29
N VAL C 192 -15.67 -56.32 -13.17
CA VAL C 192 -15.07 -55.98 -11.87
C VAL C 192 -15.26 -54.50 -11.61
N TYR C 193 -15.70 -54.16 -10.39
CA TYR C 193 -15.77 -52.77 -9.96
C TYR C 193 -15.11 -52.64 -8.60
N ALA C 194 -14.08 -51.79 -8.51
CA ALA C 194 -13.22 -51.77 -7.33
C ALA C 194 -12.96 -50.34 -6.89
N CYS C 195 -12.78 -50.18 -5.59
CA CYS C 195 -12.21 -48.97 -4.99
C CYS C 195 -10.87 -49.33 -4.38
N GLU C 196 -9.83 -48.55 -4.69
CA GLU C 196 -8.58 -48.65 -3.93
C GLU C 196 -8.42 -47.36 -3.15
N VAL C 197 -8.19 -47.50 -1.85
CA VAL C 197 -8.24 -46.39 -0.90
C VAL C 197 -6.84 -46.20 -0.32
N THR C 198 -6.41 -44.94 -0.26
CA THR C 198 -5.15 -44.55 0.37
C THR C 198 -5.46 -43.56 1.48
N HIS C 199 -5.18 -43.95 2.72
CA HIS C 199 -5.46 -43.13 3.88
C HIS C 199 -4.23 -43.05 4.76
N GLN C 200 -4.13 -41.96 5.51
CA GLN C 200 -3.01 -41.81 6.46
C GLN C 200 -3.07 -42.87 7.54
N GLY C 201 -4.26 -43.31 7.92
CA GLY C 201 -4.40 -44.37 8.91
C GLY C 201 -4.14 -45.77 8.40
N LEU C 202 -3.95 -45.93 7.09
CA LEU C 202 -3.63 -47.21 6.49
C LEU C 202 -2.19 -47.22 6.02
N SER C 203 -1.43 -48.23 6.42
CA SER C 203 -0.04 -48.34 5.99
C SER C 203 0.06 -48.57 4.50
N SER C 204 -0.85 -49.38 3.94
CA SER C 204 -0.88 -49.70 2.53
C SER C 204 -2.26 -49.42 1.96
N PRO C 205 -2.36 -49.04 0.70
CA PRO C 205 -3.69 -48.84 0.10
C PRO C 205 -4.44 -50.16 0.00
N VAL C 206 -5.75 -50.09 0.17
CA VAL C 206 -6.61 -51.27 0.22
C VAL C 206 -7.49 -51.30 -1.02
N THR C 207 -7.46 -52.40 -1.75
CA THR C 207 -8.27 -52.58 -2.95
C THR C 207 -9.39 -53.56 -2.65
N LYS C 208 -10.63 -53.10 -2.83
CA LYS C 208 -11.82 -53.89 -2.51
C LYS C 208 -12.81 -53.76 -3.66
N SER C 209 -13.34 -54.89 -4.11
CA SER C 209 -14.11 -54.93 -5.35
C SER C 209 -15.33 -55.82 -5.22
N PHE C 210 -16.19 -55.74 -6.24
CA PHE C 210 -17.34 -56.62 -6.38
C PHE C 210 -17.63 -56.84 -7.86
N ASN C 211 -18.32 -57.94 -8.12
CA ASN C 211 -18.72 -58.34 -9.48
C ASN C 211 -20.23 -58.42 -9.54
N ARG C 212 -20.82 -57.83 -10.58
CA ARG C 212 -22.27 -57.84 -10.72
C ARG C 212 -22.80 -59.24 -10.99
N GLY C 213 -22.11 -60.00 -11.84
CA GLY C 213 -22.64 -61.28 -12.26
C GLY C 213 -22.70 -62.31 -11.14
N GLU C 214 -21.67 -62.36 -10.29
CA GLU C 214 -21.61 -63.39 -9.26
C GLU C 214 -22.72 -63.21 -8.24
N CYS C 215 -23.17 -61.99 -8.02
CA CYS C 215 -24.22 -61.74 -7.04
C CYS C 215 -25.54 -61.38 -7.73
N VAL D 1 7.67 19.84 -21.74
CA VAL D 1 7.71 21.18 -21.19
C VAL D 1 9.14 21.55 -20.82
N GLN D 2 9.57 22.73 -21.27
CA GLN D 2 10.94 23.18 -21.10
C GLN D 2 10.98 24.33 -20.11
N LEU D 3 11.92 24.26 -19.17
CA LEU D 3 12.18 25.32 -18.19
C LEU D 3 13.68 25.60 -18.21
N VAL D 4 14.08 26.71 -18.83
CA VAL D 4 15.48 27.03 -19.06
C VAL D 4 15.95 27.99 -17.97
N GLU D 5 17.05 27.63 -17.32
CA GLU D 5 17.57 28.37 -16.18
C GLU D 5 18.56 29.43 -16.61
N SER D 6 18.87 30.35 -15.70
CA SER D 6 19.94 31.31 -15.91
C SER D 6 20.21 32.05 -14.61
N GLY D 7 21.41 32.59 -14.49
CA GLY D 7 21.75 33.49 -13.40
C GLY D 7 22.70 32.98 -12.35
N GLY D 8 23.26 31.77 -12.50
CA GLY D 8 24.16 31.23 -11.51
C GLY D 8 25.54 31.85 -11.57
N GLY D 9 26.36 31.53 -10.57
CA GLY D 9 27.71 32.04 -10.50
C GLY D 9 28.27 31.90 -9.09
N LEU D 10 29.31 32.69 -8.81
CA LEU D 10 29.94 32.74 -7.50
C LEU D 10 29.80 34.14 -6.94
N VAL D 11 29.50 34.23 -5.64
CA VAL D 11 29.35 35.52 -4.98
C VAL D 11 30.02 35.48 -3.62
N GLN D 12 30.40 36.68 -3.15
CA GLN D 12 30.90 36.85 -1.81
C GLN D 12 29.75 36.66 -0.82
N PRO D 13 30.01 36.14 0.37
CA PRO D 13 28.96 36.10 1.40
C PRO D 13 28.45 37.50 1.71
N GLY D 14 27.15 37.59 1.95
CA GLY D 14 26.50 38.88 2.11
C GLY D 14 26.15 39.57 0.80
N GLY D 15 26.38 38.92 -0.33
CA GLY D 15 26.06 39.48 -1.62
C GLY D 15 24.63 39.24 -2.02
N SER D 16 24.37 39.31 -3.32
CA SER D 16 23.04 39.11 -3.86
C SER D 16 23.16 38.55 -5.27
N LEU D 17 22.08 37.93 -5.73
CA LEU D 17 22.04 37.35 -7.07
C LEU D 17 20.59 37.18 -7.48
N ARG D 18 20.37 37.06 -8.78
CA ARG D 18 19.05 36.87 -9.33
C ARG D 18 19.06 35.69 -10.28
N LEU D 19 18.12 34.76 -10.09
CA LEU D 19 17.97 33.58 -10.93
C LEU D 19 16.71 33.71 -11.76
N SER D 20 16.81 33.27 -13.02
CA SER D 20 15.73 33.37 -13.99
C SER D 20 15.36 31.97 -14.47
N CYS D 21 14.07 31.77 -14.70
CA CYS D 21 13.49 30.52 -15.20
C CYS D 21 12.53 30.88 -16.31
N ALA D 22 12.93 30.66 -17.56
CA ALA D 22 12.07 30.93 -18.70
C ALA D 22 11.38 29.64 -19.10
N ALA D 23 10.05 29.64 -19.03
CA ALA D 23 9.26 28.47 -19.36
C ALA D 23 8.78 28.52 -20.80
N SER D 24 8.48 27.35 -21.33
CA SER D 24 7.81 27.22 -22.61
C SER D 24 6.71 26.18 -22.49
N GLU D 25 5.68 26.34 -23.33
CA GLU D 25 4.57 25.40 -23.43
C GLU D 25 3.68 25.40 -22.19
N ILE D 26 4.07 26.15 -21.16
CA ILE D 26 3.24 26.37 -19.98
C ILE D 26 3.36 27.84 -19.58
N THR D 27 2.46 28.27 -18.72
CA THR D 27 2.43 29.65 -18.24
C THR D 27 2.88 29.69 -16.79
N VAL D 28 3.88 30.53 -16.50
CA VAL D 28 4.43 30.60 -15.15
C VAL D 28 3.41 31.18 -14.18
N SER D 29 2.62 32.16 -14.63
CA SER D 29 1.65 32.78 -13.74
C SER D 29 0.46 31.88 -13.45
N SER D 30 0.19 30.90 -14.31
CA SER D 30 -0.99 30.05 -14.19
C SER D 30 -0.72 28.74 -13.45
N ASN D 31 0.50 28.55 -12.94
CA ASN D 31 0.87 27.31 -12.27
C ASN D 31 1.52 27.60 -10.93
N TYR D 32 1.48 26.61 -10.04
CA TYR D 32 2.28 26.64 -8.83
C TYR D 32 3.75 26.46 -9.21
N MET D 33 4.58 27.46 -8.93
CA MET D 33 5.97 27.40 -9.33
C MET D 33 6.87 27.43 -8.11
N ASN D 34 7.81 26.49 -8.04
CA ASN D 34 8.66 26.33 -6.88
C ASN D 34 10.12 26.45 -7.27
N TRP D 35 10.92 26.98 -6.33
CA TRP D 35 12.36 26.88 -6.37
C TRP D 35 12.79 25.87 -5.32
N VAL D 36 13.54 24.85 -5.75
CA VAL D 36 14.01 23.76 -4.91
C VAL D 36 15.52 23.65 -5.06
N ARG D 37 16.25 23.72 -3.95
CA ARG D 37 17.70 23.69 -4.01
C ARG D 37 18.24 22.37 -3.47
N GLN D 38 19.41 22.00 -3.98
CA GLN D 38 20.09 20.79 -3.57
C GLN D 38 21.57 21.11 -3.39
N ALA D 39 22.08 20.95 -2.18
CA ALA D 39 23.49 21.19 -1.95
C ALA D 39 24.33 20.12 -2.63
N PRO D 40 25.56 20.44 -3.03
CA PRO D 40 26.42 19.43 -3.65
C PRO D 40 26.74 18.30 -2.68
N GLY D 41 26.22 17.11 -2.97
CA GLY D 41 26.41 15.95 -2.13
C GLY D 41 25.30 15.65 -1.14
N LYS D 42 24.35 16.56 -0.97
CA LYS D 42 23.22 16.34 -0.08
C LYS D 42 21.92 16.25 -0.87
N GLY D 43 20.81 16.15 -0.15
CA GLY D 43 19.52 15.89 -0.74
C GLY D 43 18.77 17.15 -1.12
N LEU D 44 17.60 16.94 -1.71
CA LEU D 44 16.77 18.04 -2.19
C LEU D 44 16.13 18.77 -1.03
N GLU D 45 16.01 20.09 -1.17
CA GLU D 45 15.39 20.93 -0.14
C GLU D 45 14.49 21.94 -0.81
N TRP D 46 13.22 21.97 -0.41
CA TRP D 46 12.29 22.94 -0.94
C TRP D 46 12.62 24.33 -0.40
N VAL D 47 12.66 25.32 -1.29
CA VAL D 47 13.06 26.68 -0.94
C VAL D 47 11.87 27.63 -0.95
N SER D 48 11.17 27.73 -2.08
CA SER D 48 10.11 28.72 -2.17
C SER D 48 9.02 28.23 -3.13
N VAL D 49 7.83 28.80 -2.96
CA VAL D 49 6.70 28.51 -3.84
C VAL D 49 5.93 29.80 -4.10
N VAL D 50 5.41 29.93 -5.31
CA VAL D 50 4.50 31.01 -5.69
C VAL D 50 3.25 30.39 -6.30
N TYR D 51 2.09 30.84 -5.83
CA TYR D 51 0.79 30.35 -6.23
C TYR D 51 0.37 30.96 -7.56
N PRO D 52 -0.62 30.35 -8.24
CA PRO D 52 -1.16 30.99 -9.45
C PRO D 52 -1.74 32.36 -9.19
N GLY D 53 -2.30 32.60 -8.00
CA GLY D 53 -2.85 33.88 -7.65
C GLY D 53 -1.87 34.90 -7.11
N GLY D 54 -0.58 34.53 -7.01
CA GLY D 54 0.44 35.44 -6.55
C GLY D 54 0.87 35.28 -5.11
N SER D 55 0.23 34.38 -4.36
CA SER D 55 0.66 34.13 -2.99
C SER D 55 2.00 33.41 -2.98
N THR D 56 2.84 33.76 -2.01
CA THR D 56 4.19 33.20 -1.93
C THR D 56 4.42 32.60 -0.55
N PHE D 57 5.27 31.57 -0.52
CA PHE D 57 5.69 30.96 0.74
C PHE D 57 7.15 30.58 0.63
N TYR D 58 7.84 30.59 1.78
CA TYR D 58 9.26 30.32 1.83
C TYR D 58 9.56 29.35 2.97
N THR D 59 10.64 28.59 2.82
CA THR D 59 11.13 27.79 3.92
C THR D 59 11.79 28.69 4.96
N ASP D 60 11.98 28.13 6.16
CA ASP D 60 12.39 28.96 7.29
C ASP D 60 13.80 29.50 7.15
N SER D 61 14.70 28.75 6.49
CA SER D 61 16.09 29.18 6.40
C SER D 61 16.26 30.43 5.55
N VAL D 62 15.39 30.63 4.56
CA VAL D 62 15.54 31.72 3.61
C VAL D 62 14.50 32.82 3.80
N LYS D 63 13.80 32.82 4.94
CA LYS D 63 12.84 33.88 5.21
C LYS D 63 13.50 35.24 5.19
N GLY D 64 12.83 36.19 4.58
CA GLY D 64 13.31 37.57 4.54
C GLY D 64 14.28 37.91 3.43
N ARG D 65 15.36 37.15 3.33
CA ARG D 65 16.43 37.48 2.39
C ARG D 65 16.24 36.87 1.01
N PHE D 66 15.21 36.05 0.81
CA PHE D 66 14.89 35.47 -0.48
C PHE D 66 13.50 35.94 -0.88
N THR D 67 13.34 36.33 -2.14
CA THR D 67 12.02 36.67 -2.65
C THR D 67 11.81 36.08 -4.03
N ILE D 68 10.57 35.73 -4.35
CA ILE D 68 10.20 35.09 -5.60
C ILE D 68 9.19 35.98 -6.31
N SER D 69 9.32 36.08 -7.63
CA SER D 69 8.44 36.93 -8.43
C SER D 69 8.24 36.29 -9.79
N ARG D 70 7.37 36.90 -10.60
CA ARG D 70 7.10 36.44 -11.94
C ARG D 70 7.00 37.62 -12.88
N ASP D 71 7.33 37.40 -14.14
CA ASP D 71 7.10 38.36 -15.21
C ASP D 71 6.16 37.68 -16.21
N ASN D 72 4.94 38.21 -16.30
CA ASN D 72 3.94 37.69 -17.23
C ASN D 72 4.31 37.96 -18.68
N SER D 73 4.96 39.10 -18.94
CA SER D 73 5.16 39.54 -20.32
C SER D 73 5.94 38.51 -21.12
N LYS D 74 6.99 37.95 -20.54
CA LYS D 74 7.79 36.93 -21.20
C LYS D 74 7.83 35.62 -20.41
N ASN D 75 6.85 35.42 -19.52
CA ASN D 75 6.58 34.12 -18.92
C ASN D 75 7.80 33.57 -18.16
N THR D 76 8.35 34.38 -17.26
CA THR D 76 9.52 33.97 -16.51
C THR D 76 9.26 34.01 -15.02
N LEU D 77 10.02 33.20 -14.30
CA LEU D 77 10.03 33.15 -12.84
C LEU D 77 11.38 33.63 -12.34
N TYR D 78 11.36 34.47 -11.30
CA TYR D 78 12.57 35.11 -10.80
C TYR D 78 12.73 34.80 -9.32
N LEU D 79 13.99 34.57 -8.92
CA LEU D 79 14.34 34.41 -7.51
C LEU D 79 15.47 35.39 -7.19
N GLN D 80 15.17 36.36 -6.32
CA GLN D 80 16.16 37.33 -5.87
C GLN D 80 16.64 36.92 -4.49
N MET D 81 17.93 36.56 -4.41
CA MET D 81 18.55 36.18 -3.15
C MET D 81 19.45 37.30 -2.69
N ASN D 82 19.26 37.72 -1.44
CA ASN D 82 20.03 38.80 -0.84
C ASN D 82 20.63 38.31 0.47
N SER D 83 21.67 39.00 0.92
CA SER D 83 22.37 38.64 2.15
C SER D 83 22.80 37.18 2.12
N LEU D 84 23.32 36.75 0.97
CA LEU D 84 23.68 35.35 0.76
C LEU D 84 24.75 34.92 1.75
N ARG D 85 24.57 33.74 2.31
CA ARG D 85 25.51 33.14 3.24
C ARG D 85 26.04 31.82 2.65
N ALA D 86 27.04 31.25 3.33
CA ALA D 86 27.74 30.10 2.79
C ALA D 86 26.83 28.88 2.66
N GLU D 87 25.79 28.80 3.47
CA GLU D 87 24.88 27.67 3.42
C GLU D 87 23.98 27.67 2.18
N ASP D 88 24.09 28.69 1.33
CA ASP D 88 23.24 28.78 0.15
C ASP D 88 23.92 28.27 -1.12
N THR D 89 25.13 27.72 -1.01
CA THR D 89 25.81 27.13 -2.15
C THR D 89 25.11 25.84 -2.55
N ALA D 90 24.49 25.83 -3.72
CA ALA D 90 23.69 24.67 -4.13
C ALA D 90 23.33 24.81 -5.61
N VAL D 91 22.63 23.79 -6.11
CA VAL D 91 22.02 23.81 -7.43
C VAL D 91 20.54 24.09 -7.25
N TYR D 92 20.03 25.09 -7.94
CA TYR D 92 18.66 25.55 -7.78
C TYR D 92 17.84 25.13 -9.00
N TYR D 93 16.67 24.55 -8.73
CA TYR D 93 15.79 24.00 -9.75
C TYR D 93 14.47 24.73 -9.74
N CYS D 94 14.03 25.13 -10.92
CA CYS D 94 12.69 25.65 -11.16
C CYS D 94 11.76 24.49 -11.48
N ALA D 95 10.74 24.29 -10.65
CA ALA D 95 9.86 23.15 -10.79
C ALA D 95 8.41 23.59 -10.81
N ARG D 96 7.59 22.83 -11.53
CA ARG D 96 6.15 23.05 -11.60
C ARG D 96 5.47 22.05 -10.67
N GLU D 97 4.66 22.55 -9.75
CA GLU D 97 4.03 21.72 -8.74
C GLU D 97 2.58 21.42 -9.11
N SER D 98 2.13 20.22 -8.76
CA SER D 98 0.75 19.78 -8.95
C SER D 98 0.34 19.83 -10.42
N GLY D 99 1.02 18.99 -11.21
CA GLY D 99 0.72 18.85 -12.63
C GLY D 99 0.68 17.38 -13.01
N GLY D 100 1.20 17.08 -14.20
CA GLY D 100 1.20 15.73 -14.71
C GLY D 100 -0.16 15.28 -15.20
N PHE D 101 -0.18 14.32 -16.13
CA PHE D 101 -1.46 13.87 -16.69
C PHE D 101 -2.38 13.27 -15.63
N PRO D 102 -1.92 12.38 -14.73
CA PRO D 102 -2.83 11.91 -13.67
C PRO D 102 -3.03 12.95 -12.57
N LEU D 103 -2.53 14.16 -12.78
CA LEU D 103 -2.68 15.28 -11.85
C LEU D 103 -2.10 14.94 -10.48
N ALA D 104 -0.77 14.83 -10.47
CA ALA D 104 -0.05 14.57 -9.23
C ALA D 104 -0.06 15.80 -8.33
N GLU D 105 -1.13 15.95 -7.55
CA GLU D 105 -1.27 17.12 -6.69
C GLU D 105 -0.20 17.11 -5.60
N GLY D 106 0.46 18.26 -5.40
CA GLY D 106 1.50 18.37 -4.43
C GLY D 106 2.87 17.86 -4.88
N ALA D 107 2.98 17.37 -6.11
CA ALA D 107 4.21 16.81 -6.62
C ALA D 107 4.75 17.66 -7.75
N PHE D 108 6.06 17.62 -7.93
CA PHE D 108 6.73 18.36 -9.00
C PHE D 108 6.91 17.44 -10.19
N ASP D 109 6.22 17.75 -11.29
CA ASP D 109 6.27 16.90 -12.48
C ASP D 109 7.21 17.41 -13.55
N ILE D 110 7.45 18.72 -13.63
CA ILE D 110 8.33 19.31 -14.63
C ILE D 110 9.43 20.06 -13.90
N TRP D 111 10.68 19.80 -14.28
CA TRP D 111 11.84 20.39 -13.64
C TRP D 111 12.72 21.08 -14.66
N GLY D 112 13.40 22.15 -14.22
CA GLY D 112 14.46 22.74 -14.99
C GLY D 112 15.77 22.01 -14.76
N GLN D 113 16.81 22.48 -15.43
CA GLN D 113 18.13 21.88 -15.28
C GLN D 113 18.91 22.44 -14.10
N GLY D 114 18.46 23.54 -13.51
CA GLY D 114 19.09 24.10 -12.33
C GLY D 114 20.35 24.90 -12.61
N THR D 115 20.54 25.98 -11.86
CA THR D 115 21.77 26.77 -11.92
C THR D 115 22.59 26.55 -10.66
N MET D 116 23.90 26.74 -10.79
CA MET D 116 24.82 26.57 -9.67
C MET D 116 25.10 27.92 -9.03
N VAL D 117 24.93 27.98 -7.71
CA VAL D 117 25.22 29.18 -6.92
C VAL D 117 26.26 28.82 -5.88
N THR D 118 27.35 29.58 -5.85
CA THR D 118 28.43 29.38 -4.89
C THR D 118 28.57 30.64 -4.04
N VAL D 119 28.75 30.47 -2.74
CA VAL D 119 28.87 31.59 -1.80
C VAL D 119 30.13 31.34 -0.98
N SER D 120 31.26 31.89 -1.43
CA SER D 120 32.50 31.80 -0.67
C SER D 120 33.42 32.95 -1.06
N SER D 121 34.33 33.28 -0.15
CA SER D 121 35.31 34.35 -0.35
C SER D 121 36.64 33.79 -0.81
N ALA D 122 36.62 32.74 -1.62
CA ALA D 122 37.81 31.98 -1.95
C ALA D 122 38.84 32.77 -2.74
N SER D 123 38.47 33.91 -3.33
CA SER D 123 39.40 34.75 -4.07
C SER D 123 40.02 33.99 -5.24
N THR D 124 39.17 33.74 -6.24
CA THR D 124 39.45 32.94 -7.43
C THR D 124 40.90 33.03 -7.91
N LYS D 125 41.53 31.88 -8.12
CA LYS D 125 42.95 31.80 -8.44
C LYS D 125 43.22 30.45 -9.10
N GLY D 126 44.50 30.13 -9.29
CA GLY D 126 44.88 29.04 -10.16
C GLY D 126 45.45 27.81 -9.47
N PRO D 127 45.24 26.65 -10.09
CA PRO D 127 45.68 25.39 -9.49
C PRO D 127 47.14 25.05 -9.77
N SER D 128 47.85 24.63 -8.72
CA SER D 128 49.19 24.11 -8.86
C SER D 128 49.16 22.62 -9.22
N VAL D 129 50.13 22.20 -10.02
CA VAL D 129 50.16 20.87 -10.64
C VAL D 129 51.39 20.13 -10.12
N PHE D 130 51.18 19.01 -9.43
CA PHE D 130 52.25 18.22 -8.84
C PHE D 130 52.24 16.78 -9.35
N PRO D 131 53.39 16.24 -9.75
CA PRO D 131 53.41 14.85 -10.23
C PRO D 131 53.57 13.85 -9.10
N LEU D 132 53.03 12.65 -9.32
CA LEU D 132 53.13 11.55 -8.37
C LEU D 132 53.58 10.31 -9.14
N ALA D 133 54.77 9.75 -8.75
CA ALA D 133 55.43 8.58 -9.29
C ALA D 133 55.29 7.39 -8.35
N PRO D 134 55.17 6.18 -8.90
CA PRO D 134 54.98 5.00 -8.06
C PRO D 134 56.27 4.57 -7.39
N SER D 135 56.19 3.46 -6.67
CA SER D 135 57.36 2.89 -6.01
C SER D 135 58.39 2.45 -7.04
N SER D 136 59.66 2.66 -6.72
CA SER D 136 60.74 2.25 -7.61
C SER D 136 60.91 0.73 -7.58
N LYS D 137 60.13 0.04 -8.41
CA LYS D 137 60.14 -1.41 -8.45
C LYS D 137 60.15 -1.85 -9.90
N SER D 138 60.59 -3.09 -10.13
CA SER D 138 60.78 -3.56 -11.50
C SER D 138 59.44 -3.84 -12.19
N THR D 139 58.73 -4.86 -11.72
CA THR D 139 57.39 -5.13 -12.26
C THR D 139 56.34 -5.12 -11.15
N SER D 140 56.59 -5.83 -10.05
CA SER D 140 55.64 -5.97 -8.94
C SER D 140 54.25 -6.35 -9.46
N GLY D 141 54.21 -7.35 -10.32
CA GLY D 141 52.97 -7.77 -10.94
C GLY D 141 52.56 -6.98 -12.17
N GLY D 142 53.44 -6.12 -12.67
CA GLY D 142 53.11 -5.29 -13.82
C GLY D 142 52.03 -4.26 -13.54
N THR D 143 52.10 -3.59 -12.40
CA THR D 143 51.09 -2.61 -12.01
C THR D 143 51.79 -1.41 -11.39
N ALA D 144 51.77 -0.28 -12.07
CA ALA D 144 52.27 0.98 -11.52
C ALA D 144 51.22 2.05 -11.76
N ALA D 145 51.27 3.12 -10.98
CA ALA D 145 50.33 4.21 -11.14
C ALA D 145 51.06 5.54 -11.07
N LEU D 146 50.66 6.46 -11.94
CA LEU D 146 51.17 7.81 -11.92
C LEU D 146 50.01 8.78 -11.91
N GLY D 147 50.18 9.88 -11.17
CA GLY D 147 49.08 10.78 -10.91
C GLY D 147 49.49 12.23 -11.06
N CYS D 148 48.47 13.06 -11.25
CA CYS D 148 48.60 14.52 -11.31
C CYS D 148 47.72 15.09 -10.20
N LEU D 149 48.36 15.73 -9.22
CA LEU D 149 47.66 16.38 -8.12
C LEU D 149 47.40 17.83 -8.51
N VAL D 150 46.12 18.22 -8.47
CA VAL D 150 45.68 19.56 -8.83
C VAL D 150 45.23 20.25 -7.56
N LYS D 151 45.88 21.35 -7.20
CA LYS D 151 45.76 21.90 -5.86
C LYS D 151 45.37 23.37 -5.91
N ASP D 152 44.62 23.80 -4.89
CA ASP D 152 44.49 25.21 -4.52
C ASP D 152 43.93 26.05 -5.68
N TYR D 153 42.67 25.78 -6.01
CA TYR D 153 41.99 26.52 -7.06
C TYR D 153 40.53 26.72 -6.69
N PHE D 154 39.92 27.75 -7.29
CA PHE D 154 38.50 28.05 -7.14
C PHE D 154 38.08 28.89 -8.34
N PRO D 155 36.89 28.66 -8.92
CA PRO D 155 35.95 27.59 -8.59
C PRO D 155 35.99 26.43 -9.58
N GLU D 156 35.09 25.47 -9.39
CA GLU D 156 34.94 24.36 -10.31
C GLU D 156 34.23 24.83 -11.58
N PRO D 157 34.33 24.06 -12.68
CA PRO D 157 35.09 22.82 -12.90
C PRO D 157 36.48 23.05 -13.46
N VAL D 158 37.28 21.99 -13.49
CA VAL D 158 38.60 22.01 -14.12
C VAL D 158 38.68 20.81 -15.04
N THR D 159 39.55 20.90 -16.05
CA THR D 159 39.76 19.83 -17.00
C THR D 159 41.15 19.24 -16.81
N VAL D 160 41.22 17.92 -16.63
CA VAL D 160 42.48 17.21 -16.51
C VAL D 160 42.57 16.18 -17.62
N SER D 161 43.67 16.22 -18.37
CA SER D 161 43.90 15.29 -19.47
C SER D 161 45.31 14.71 -19.36
N TRP D 162 45.50 13.55 -19.96
CA TRP D 162 46.79 12.87 -20.00
C TRP D 162 47.28 12.82 -21.43
N ASN D 163 48.49 13.35 -21.66
CA ASN D 163 49.07 13.46 -23.00
C ASN D 163 48.13 14.20 -23.95
N SER D 164 47.44 15.22 -23.43
CA SER D 164 46.47 16.00 -24.19
C SER D 164 45.43 15.12 -24.86
N GLY D 165 44.90 14.17 -24.10
CA GLY D 165 43.85 13.28 -24.58
C GLY D 165 44.34 12.04 -25.31
N ALA D 166 45.65 11.87 -25.48
CA ALA D 166 46.16 10.69 -26.15
C ALA D 166 45.99 9.43 -25.32
N LEU D 167 45.85 9.57 -24.00
CA LEU D 167 45.62 8.44 -23.11
C LEU D 167 44.28 8.64 -22.41
N THR D 168 43.38 7.67 -22.58
CA THR D 168 42.04 7.75 -22.01
C THR D 168 41.61 6.48 -21.28
N SER D 169 42.40 5.41 -21.32
CA SER D 169 42.04 4.15 -20.68
C SER D 169 42.74 4.05 -19.34
N GLY D 170 41.99 3.68 -18.30
CA GLY D 170 42.55 3.54 -16.98
C GLY D 170 42.75 4.82 -16.21
N VAL D 171 42.21 5.94 -16.70
CA VAL D 171 42.35 7.22 -16.03
C VAL D 171 41.19 7.41 -15.08
N HIS D 172 41.49 7.73 -13.82
CA HIS D 172 40.49 7.96 -12.79
C HIS D 172 40.72 9.34 -12.20
N THR D 173 39.76 10.24 -12.43
CA THR D 173 39.77 11.57 -11.83
C THR D 173 38.89 11.56 -10.59
N PHE D 174 39.41 12.07 -9.50
CA PHE D 174 38.56 12.03 -8.34
C PHE D 174 37.85 13.37 -8.13
N PRO D 175 36.65 13.36 -7.59
CA PRO D 175 35.92 14.62 -7.37
C PRO D 175 36.69 15.52 -6.42
N ALA D 176 36.68 16.82 -6.74
CA ALA D 176 37.42 17.78 -5.94
C ALA D 176 36.80 17.93 -4.56
N VAL D 177 37.65 18.15 -3.57
CA VAL D 177 37.23 18.27 -2.17
C VAL D 177 37.47 19.70 -1.70
N LEU D 178 36.53 20.22 -0.92
CA LEU D 178 36.60 21.59 -0.43
C LEU D 178 37.55 21.64 0.76
N GLN D 179 38.71 22.26 0.57
CA GLN D 179 39.69 22.39 1.64
C GLN D 179 39.17 23.33 2.72
N SER D 180 39.67 23.12 3.95
CA SER D 180 39.29 23.98 5.07
C SER D 180 39.70 25.43 4.84
N SER D 181 40.64 25.69 3.93
CA SER D 181 41.05 27.03 3.58
C SER D 181 40.21 27.64 2.47
N GLY D 182 39.13 26.97 2.07
CA GLY D 182 38.25 27.49 1.05
C GLY D 182 38.69 27.24 -0.38
N LEU D 183 39.69 26.40 -0.59
CA LEU D 183 40.17 26.07 -1.92
C LEU D 183 39.74 24.65 -2.28
N TYR D 184 40.02 24.25 -3.52
CA TYR D 184 39.66 22.95 -4.03
C TYR D 184 40.91 22.21 -4.50
N SER D 185 40.88 20.89 -4.36
CA SER D 185 41.96 20.06 -4.86
C SER D 185 41.39 18.70 -5.27
N LEU D 186 42.10 18.06 -6.18
CA LEU D 186 41.77 16.72 -6.61
C LEU D 186 43.04 16.01 -7.05
N SER D 187 42.91 14.71 -7.31
CA SER D 187 43.99 13.92 -7.85
C SER D 187 43.44 13.13 -9.03
N SER D 188 44.19 13.11 -10.13
CA SER D 188 43.85 12.34 -11.32
C SER D 188 44.94 11.31 -11.53
N VAL D 189 44.63 10.04 -11.28
CA VAL D 189 45.64 9.00 -11.36
C VAL D 189 45.34 8.10 -12.54
N VAL D 190 46.35 7.32 -12.94
CA VAL D 190 46.16 6.34 -14.00
C VAL D 190 47.18 5.22 -13.80
N THR D 191 46.72 3.99 -13.99
CA THR D 191 47.54 2.80 -13.85
C THR D 191 48.07 2.36 -15.21
N VAL D 192 49.38 2.18 -15.29
CA VAL D 192 50.05 1.69 -16.49
C VAL D 192 50.99 0.56 -16.07
N PRO D 193 51.32 -0.34 -17.00
CA PRO D 193 52.34 -1.35 -16.72
C PRO D 193 53.69 -0.72 -16.51
N SER D 194 54.51 -1.37 -15.68
CA SER D 194 55.84 -0.84 -15.38
C SER D 194 56.74 -0.85 -16.61
N SER D 195 56.57 -1.83 -17.49
CA SER D 195 57.40 -1.90 -18.69
C SER D 195 57.17 -0.69 -19.59
N SER D 196 55.99 -0.08 -19.51
CA SER D 196 55.68 1.14 -20.27
C SER D 196 56.02 2.41 -19.50
N LEU D 197 56.63 2.28 -18.32
CA LEU D 197 56.99 3.47 -17.54
C LEU D 197 58.06 4.30 -18.24
N GLY D 198 59.04 3.64 -18.85
CA GLY D 198 60.12 4.36 -19.50
C GLY D 198 59.82 4.74 -20.94
N THR D 199 59.40 3.74 -21.74
CA THR D 199 59.21 3.97 -23.17
C THR D 199 58.09 4.95 -23.48
N GLN D 200 57.19 5.20 -22.52
CA GLN D 200 56.07 6.11 -22.72
C GLN D 200 56.22 7.29 -21.77
N THR D 201 56.71 8.41 -22.28
CA THR D 201 56.69 9.65 -21.53
C THR D 201 55.26 10.14 -21.35
N TYR D 202 54.95 10.61 -20.15
CA TYR D 202 53.60 11.05 -19.81
C TYR D 202 53.62 12.49 -19.33
N ILE D 203 52.58 13.24 -19.69
CA ILE D 203 52.43 14.64 -19.30
C ILE D 203 50.98 14.86 -18.87
N CYS D 204 50.79 15.51 -17.74
CA CYS D 204 49.44 15.82 -17.26
C CYS D 204 49.13 17.28 -17.53
N ASN D 205 48.01 17.51 -18.23
CA ASN D 205 47.57 18.82 -18.64
C ASN D 205 46.37 19.22 -17.79
N VAL D 206 46.43 20.39 -17.18
CA VAL D 206 45.36 20.92 -16.35
C VAL D 206 44.94 22.25 -16.94
N ASN D 207 43.68 22.31 -17.37
CA ASN D 207 43.07 23.50 -17.94
C ASN D 207 41.98 23.96 -16.98
N HIS D 208 42.30 24.98 -16.19
CA HIS D 208 41.33 25.62 -15.30
C HIS D 208 40.83 26.87 -16.03
N LYS D 209 39.61 26.77 -16.56
CA LYS D 209 39.07 27.82 -17.42
C LYS D 209 38.87 29.15 -16.71
N PRO D 210 38.19 29.23 -15.56
CA PRO D 210 37.92 30.55 -14.97
C PRO D 210 39.17 31.33 -14.62
N SER D 211 40.23 30.67 -14.19
CA SER D 211 41.50 31.33 -13.92
C SER D 211 42.44 31.30 -15.12
N ASN D 212 42.01 30.70 -16.23
CA ASN D 212 42.78 30.67 -17.47
C ASN D 212 44.16 30.05 -17.27
N THR D 213 44.23 28.97 -16.50
CA THR D 213 45.51 28.30 -16.26
C THR D 213 45.61 27.10 -17.20
N LYS D 214 46.64 27.11 -18.03
CA LYS D 214 46.90 26.07 -19.03
C LYS D 214 48.26 25.50 -18.63
N VAL D 215 48.30 24.51 -17.76
CA VAL D 215 49.55 24.03 -17.20
C VAL D 215 49.76 22.58 -17.62
N ASP D 216 50.88 22.31 -18.30
CA ASP D 216 51.26 20.96 -18.67
C ASP D 216 52.55 20.60 -17.95
N LYS D 217 52.50 19.56 -17.12
CA LYS D 217 53.66 19.15 -16.34
C LYS D 217 54.04 17.71 -16.63
N ARG D 218 55.35 17.48 -16.75
CA ARG D 218 55.88 16.18 -17.09
C ARG D 218 55.61 15.17 -15.98
N VAL D 219 55.40 13.92 -16.38
CA VAL D 219 55.10 12.84 -15.44
C VAL D 219 56.05 11.69 -15.75
N GLU D 220 57.12 11.58 -14.96
CA GLU D 220 58.12 10.53 -15.11
C GLU D 220 58.53 10.09 -13.70
N PRO D 221 58.88 8.80 -13.52
CA PRO D 221 59.35 8.35 -12.21
C PRO D 221 60.60 9.07 -11.75
N LYS D 222 60.95 8.90 -10.48
CA LYS D 222 62.06 9.62 -9.86
C LYS D 222 63.19 8.65 -9.52
N SER D 223 64.33 9.23 -9.16
CA SER D 223 65.50 8.47 -8.72
C SER D 223 65.67 8.65 -7.22
N CYS D 224 65.64 7.54 -6.49
CA CYS D 224 65.65 7.59 -5.03
C CYS D 224 67.04 7.28 -4.49
N ASP E 1 7.56 19.80 9.95
CA ASP E 1 8.43 19.05 10.84
C ASP E 1 8.10 17.55 10.76
N ILE E 2 7.78 17.07 9.57
CA ILE E 2 7.46 15.67 9.34
C ILE E 2 8.76 14.99 8.90
N GLN E 3 9.44 14.36 9.86
CA GLN E 3 10.68 13.66 9.54
C GLN E 3 10.40 12.48 8.64
N MET E 4 11.22 12.31 7.62
CA MET E 4 10.97 11.33 6.58
C MET E 4 12.26 10.59 6.30
N THR E 5 12.25 9.27 6.46
CA THR E 5 13.45 8.46 6.33
C THR E 5 13.27 7.41 5.23
N GLN E 6 14.38 6.97 4.66
CA GLN E 6 14.40 5.99 3.59
C GLN E 6 15.28 4.82 3.98
N SER E 7 14.82 3.61 3.65
CA SER E 7 15.54 2.38 3.96
C SER E 7 15.59 1.50 2.72
N PRO E 8 16.76 0.98 2.34
CA PRO E 8 18.04 1.29 2.97
C PRO E 8 18.68 2.55 2.42
N SER E 9 19.77 3.01 3.04
CA SER E 9 20.46 4.19 2.53
C SER E 9 20.97 3.95 1.11
N SER E 10 21.52 2.77 0.85
CA SER E 10 21.91 2.38 -0.50
C SER E 10 21.91 0.86 -0.57
N LEU E 11 21.36 0.32 -1.65
CA LEU E 11 21.36 -1.11 -1.89
C LEU E 11 21.97 -1.39 -3.25
N SER E 12 22.63 -2.54 -3.36
CA SER E 12 23.21 -2.98 -4.62
C SER E 12 22.35 -4.11 -5.17
N ALA E 13 22.00 -4.01 -6.45
CA ALA E 13 21.09 -4.95 -7.08
C ALA E 13 21.59 -5.34 -8.46
N SER E 14 21.11 -6.48 -8.94
CA SER E 14 21.45 -6.98 -10.26
C SER E 14 20.43 -6.45 -11.28
N VAL E 15 20.45 -6.99 -12.48
CA VAL E 15 19.55 -6.56 -13.55
C VAL E 15 18.45 -7.60 -13.71
N GLY E 16 17.19 -7.14 -13.62
CA GLY E 16 16.05 -7.99 -13.84
C GLY E 16 15.33 -8.45 -12.58
N ASP E 17 15.94 -8.32 -11.42
CA ASP E 17 15.33 -8.77 -10.18
C ASP E 17 14.43 -7.69 -9.57
N ARG E 18 13.54 -8.13 -8.68
CA ARG E 18 12.63 -7.22 -8.01
C ARG E 18 13.32 -6.57 -6.82
N VAL E 19 13.16 -5.26 -6.69
CA VAL E 19 13.75 -4.49 -5.61
C VAL E 19 12.67 -3.63 -4.95
N SER E 20 12.71 -3.53 -3.63
CA SER E 20 11.77 -2.74 -2.86
C SER E 20 12.52 -1.78 -1.96
N ILE E 21 12.11 -0.52 -1.95
CA ILE E 21 12.69 0.50 -1.08
C ILE E 21 11.56 1.12 -0.27
N THR E 22 11.82 1.35 1.02
CA THR E 22 10.78 1.76 1.95
C THR E 22 11.00 3.19 2.41
N CYS E 23 9.89 3.92 2.60
CA CYS E 23 9.91 5.27 3.10
C CYS E 23 9.00 5.33 4.32
N ARG E 24 9.51 5.91 5.40
CA ARG E 24 8.82 5.93 6.69
C ARG E 24 8.70 7.36 7.17
N ALA E 25 7.48 7.72 7.59
CA ALA E 25 7.20 9.05 8.13
C ALA E 25 7.13 9.01 9.65
N SER E 26 7.47 10.13 10.27
CA SER E 26 7.37 10.22 11.72
C SER E 26 5.93 10.08 12.21
N GLN E 27 4.96 10.39 11.36
CA GLN E 27 3.55 10.23 11.69
C GLN E 27 2.79 9.96 10.41
N SER E 28 1.57 9.42 10.56
CA SER E 28 0.77 9.05 9.40
C SER E 28 0.51 10.25 8.51
N ILE E 29 0.69 10.06 7.21
CA ILE E 29 0.52 11.12 6.23
C ILE E 29 -0.49 10.73 5.15
N SER E 30 -1.38 9.79 5.47
CA SER E 30 -2.38 9.27 4.53
C SER E 30 -1.65 8.75 3.30
N THR E 31 -1.94 9.23 2.10
CA THR E 31 -1.23 8.81 0.89
C THR E 31 -0.59 9.99 0.18
N HIS E 32 -0.21 11.02 0.93
CA HIS E 32 0.43 12.20 0.36
C HIS E 32 1.95 12.01 0.29
N LEU E 33 2.36 11.06 -0.54
CA LEU E 33 3.78 10.77 -0.74
C LEU E 33 4.03 10.48 -2.21
N HIS E 34 5.15 10.99 -2.71
CA HIS E 34 5.50 10.90 -4.12
C HIS E 34 6.93 10.41 -4.25
N TRP E 35 7.19 9.62 -5.28
CA TRP E 35 8.48 9.00 -5.52
C TRP E 35 9.10 9.61 -6.77
N TYR E 36 10.32 10.15 -6.61
CA TYR E 36 11.09 10.77 -7.68
C TYR E 36 12.35 9.97 -7.95
N GLN E 37 12.80 10.01 -9.20
CA GLN E 37 14.04 9.38 -9.61
C GLN E 37 14.96 10.44 -10.21
N GLN E 38 16.20 10.46 -9.75
CA GLN E 38 17.20 11.44 -10.20
C GLN E 38 18.49 10.72 -10.53
N LYS E 39 18.91 10.84 -11.76
CA LYS E 39 20.20 10.34 -12.24
C LYS E 39 21.29 11.36 -11.97
N PRO E 40 22.54 10.92 -11.83
CA PRO E 40 23.63 11.87 -11.54
C PRO E 40 23.75 12.93 -12.64
N GLY E 41 23.98 14.17 -12.21
CA GLY E 41 24.12 15.26 -13.14
C GLY E 41 22.84 15.71 -13.81
N LYS E 42 21.68 15.29 -13.30
CA LYS E 42 20.40 15.62 -13.91
C LYS E 42 19.41 16.02 -12.82
N ALA E 43 18.25 16.49 -13.25
CA ALA E 43 17.14 16.89 -12.39
C ALA E 43 16.25 15.70 -12.08
N PRO E 44 15.59 15.70 -10.93
CA PRO E 44 14.72 14.57 -10.57
C PRO E 44 13.53 14.47 -11.51
N LYS E 45 13.00 13.25 -11.62
CA LYS E 45 11.85 12.96 -12.46
C LYS E 45 10.80 12.26 -11.60
N LEU E 46 9.56 12.72 -11.68
CA LEU E 46 8.49 12.18 -10.85
C LEU E 46 8.07 10.81 -11.37
N LEU E 47 8.21 9.79 -10.52
CA LEU E 47 7.84 8.43 -10.87
C LEU E 47 6.44 8.08 -10.39
N ILE E 48 6.19 8.17 -9.08
CA ILE E 48 4.96 7.70 -8.48
C ILE E 48 4.26 8.86 -7.79
N SER E 49 2.96 9.01 -8.06
CA SER E 49 2.14 10.03 -7.45
C SER E 49 1.16 9.40 -6.47
N ALA E 50 0.90 10.10 -5.37
CA ALA E 50 -0.06 9.67 -4.35
C ALA E 50 0.27 8.29 -3.79
N ALA E 51 1.54 7.89 -3.85
CA ALA E 51 2.06 6.68 -3.25
C ALA E 51 1.53 5.41 -3.90
N SER E 52 0.60 5.54 -4.85
CA SER E 52 0.08 4.37 -5.54
C SER E 52 -0.14 4.57 -7.03
N THR E 53 -0.14 5.79 -7.55
CA THR E 53 -0.53 6.07 -8.92
C THR E 53 0.71 6.19 -9.79
N LEU E 54 0.80 5.36 -10.83
CA LEU E 54 1.85 5.50 -11.82
C LEU E 54 1.62 6.75 -12.66
N GLN E 55 2.69 7.46 -12.95
CA GLN E 55 2.59 8.64 -13.79
C GLN E 55 2.56 8.25 -15.26
N SER E 56 2.03 9.14 -16.09
CA SER E 56 1.94 8.90 -17.52
C SER E 56 3.33 8.95 -18.15
N GLY E 57 3.66 7.92 -18.93
CA GLY E 57 4.96 7.84 -19.55
C GLY E 57 6.01 7.09 -18.75
N VAL E 58 5.70 6.69 -17.53
CA VAL E 58 6.64 5.94 -16.69
C VAL E 58 6.44 4.46 -16.97
N PRO E 59 7.51 3.69 -17.18
CA PRO E 59 7.36 2.26 -17.45
C PRO E 59 6.64 1.54 -16.32
N SER E 60 5.88 0.52 -16.69
CA SER E 60 5.02 -0.18 -15.73
C SER E 60 5.79 -0.96 -14.68
N ARG E 61 7.10 -1.14 -14.85
CA ARG E 61 7.88 -1.87 -13.86
C ARG E 61 7.96 -1.12 -12.53
N PHE E 62 7.71 0.18 -12.53
CA PHE E 62 7.67 0.95 -11.29
C PHE E 62 6.28 0.88 -10.69
N SER E 63 6.21 0.51 -9.42
CA SER E 63 4.94 0.44 -8.71
C SER E 63 5.12 1.01 -7.31
N GLY E 64 4.05 1.54 -6.76
CA GLY E 64 4.07 2.10 -5.43
C GLY E 64 2.91 1.61 -4.59
N SER E 65 3.17 1.41 -3.30
CA SER E 65 2.14 0.92 -2.41
C SER E 65 2.40 1.45 -1.01
N GLY E 66 1.45 1.19 -0.12
CA GLY E 66 1.55 1.63 1.26
C GLY E 66 0.67 2.84 1.53
N SER E 67 0.61 3.19 2.82
CA SER E 67 -0.25 4.28 3.29
C SER E 67 0.00 4.48 4.77
N GLY E 68 -0.38 5.66 5.25
CA GLY E 68 -0.19 5.96 6.65
C GLY E 68 1.23 6.39 6.96
N THR E 69 2.00 5.50 7.58
CA THR E 69 3.37 5.79 7.96
C THR E 69 4.40 4.97 7.21
N ASP E 70 3.99 3.98 6.44
CA ASP E 70 4.90 3.12 5.69
C ASP E 70 4.52 3.10 4.23
N PHE E 71 5.51 3.32 3.36
CA PHE E 71 5.31 3.31 1.92
C PHE E 71 6.44 2.54 1.27
N THR E 72 6.17 1.96 0.10
CA THR E 72 7.15 1.15 -0.60
C THR E 72 7.11 1.43 -2.09
N LEU E 73 8.30 1.53 -2.69
CA LEU E 73 8.45 1.59 -4.13
C LEU E 73 9.11 0.29 -4.60
N THR E 74 8.46 -0.38 -5.54
CA THR E 74 8.88 -1.70 -6.01
C THR E 74 9.14 -1.65 -7.50
N ILE E 75 10.27 -2.21 -7.93
CA ILE E 75 10.62 -2.36 -9.32
C ILE E 75 10.71 -3.85 -9.63
N THR E 76 10.01 -4.28 -10.68
CA THR E 76 9.94 -5.70 -11.00
C THR E 76 11.20 -6.18 -11.72
N SER E 77 11.46 -5.63 -12.91
CA SER E 77 12.62 -6.01 -13.71
C SER E 77 13.54 -4.80 -13.80
N LEU E 78 14.55 -4.76 -12.94
CA LEU E 78 15.43 -3.60 -12.83
C LEU E 78 16.31 -3.53 -14.08
N GLN E 79 15.95 -2.65 -15.00
CA GLN E 79 16.68 -2.50 -16.24
C GLN E 79 18.03 -1.81 -15.98
N PRO E 80 18.98 -1.94 -16.91
CA PRO E 80 20.29 -1.31 -16.71
C PRO E 80 20.25 0.20 -16.62
N GLU E 81 19.18 0.84 -17.09
CA GLU E 81 19.05 2.29 -17.02
C GLU E 81 18.22 2.75 -15.82
N ASP E 82 17.85 1.83 -14.93
CA ASP E 82 17.10 2.15 -13.73
C ASP E 82 18.00 2.45 -12.53
N PHE E 83 19.32 2.51 -12.72
CA PHE E 83 20.24 2.78 -11.62
C PHE E 83 20.33 4.28 -11.41
N ALA E 84 19.68 4.77 -10.36
CA ALA E 84 19.66 6.19 -10.04
C ALA E 84 19.40 6.35 -8.56
N THR E 85 19.12 7.58 -8.13
CA THR E 85 18.80 7.87 -6.73
C THR E 85 17.31 8.15 -6.61
N TYR E 86 16.66 7.51 -5.65
CA TYR E 86 15.21 7.59 -5.50
C TYR E 86 14.87 8.33 -4.21
N TYR E 87 14.03 9.36 -4.34
CA TYR E 87 13.61 10.19 -3.22
C TYR E 87 12.12 10.03 -2.99
N CYS E 88 11.72 10.03 -1.72
CA CYS E 88 10.32 10.11 -1.34
C CYS E 88 10.05 11.47 -0.71
N GLN E 89 9.03 12.16 -1.21
CA GLN E 89 8.68 13.50 -0.76
C GLN E 89 7.23 13.51 -0.30
N GLN E 90 6.97 14.13 0.84
CA GLN E 90 5.64 14.22 1.39
C GLN E 90 5.04 15.60 1.12
N SER E 91 3.73 15.62 0.86
CA SER E 91 3.02 16.87 0.64
C SER E 91 1.85 16.98 1.62
N TYR E 92 2.11 16.64 2.88
CA TYR E 92 1.08 16.52 3.91
C TYR E 92 1.11 17.62 4.94
N SER E 93 2.30 18.11 5.31
CA SER E 93 2.44 18.91 6.51
C SER E 93 1.80 20.29 6.34
N THR E 94 2.30 21.08 5.41
CA THR E 94 1.94 22.48 5.28
C THR E 94 2.56 23.02 4.00
N PRO E 95 2.03 24.12 3.44
CA PRO E 95 2.66 24.72 2.27
C PRO E 95 4.13 25.10 2.47
N ARG E 96 4.62 25.14 3.70
CA ARG E 96 6.02 25.42 4.00
C ARG E 96 6.72 24.20 4.60
N GLY E 97 6.25 23.01 4.26
CA GLY E 97 6.78 21.81 4.85
C GLY E 97 6.95 20.62 3.91
N LEU E 98 7.22 20.90 2.63
CA LEU E 98 7.39 19.83 1.63
C LEU E 98 8.80 19.26 1.74
N SER E 99 9.04 18.55 2.83
CA SER E 99 10.35 17.96 3.06
C SER E 99 10.57 16.75 2.16
N PHE E 100 11.84 16.49 1.86
CA PHE E 100 12.24 15.36 1.04
C PHE E 100 12.91 14.29 1.89
N GLY E 101 12.96 13.07 1.35
CA GLY E 101 13.65 11.99 2.01
C GLY E 101 15.15 12.03 1.80
N GLY E 102 15.86 11.13 2.49
CA GLY E 102 17.30 11.08 2.36
C GLY E 102 17.76 10.64 0.99
N GLY E 103 17.11 9.66 0.42
CA GLY E 103 17.45 9.17 -0.91
C GLY E 103 18.09 7.80 -0.85
N THR E 104 17.72 6.95 -1.81
CA THR E 104 18.25 5.60 -1.92
C THR E 104 18.98 5.45 -3.23
N LYS E 105 20.21 4.93 -3.17
CA LYS E 105 21.05 4.76 -4.35
C LYS E 105 21.05 3.29 -4.76
N VAL E 106 20.86 3.05 -6.06
CA VAL E 106 20.85 1.70 -6.62
C VAL E 106 21.98 1.60 -7.63
N GLU E 107 22.87 0.63 -7.43
CA GLU E 107 24.02 0.43 -8.29
C GLU E 107 24.17 -1.05 -8.64
N ILE E 108 25.00 -1.31 -9.64
CA ILE E 108 25.20 -2.67 -10.13
C ILE E 108 25.93 -3.50 -9.08
N LYS E 109 25.55 -4.76 -8.94
CA LYS E 109 26.25 -5.70 -8.07
C LYS E 109 27.14 -6.62 -8.89
N ARG E 110 28.36 -6.83 -8.42
CA ARG E 110 29.33 -7.68 -9.08
C ARG E 110 30.05 -8.51 -8.03
N THR E 111 31.12 -9.18 -8.45
CA THR E 111 31.94 -9.94 -7.53
C THR E 111 32.96 -9.04 -6.83
N VAL E 112 33.37 -9.45 -5.63
CA VAL E 112 34.34 -8.68 -4.87
C VAL E 112 35.68 -8.67 -5.59
N ALA E 113 36.47 -7.63 -5.32
CA ALA E 113 37.78 -7.49 -5.93
C ALA E 113 38.69 -6.70 -5.00
N ALA E 114 39.99 -7.01 -5.06
CA ALA E 114 41.02 -6.39 -4.25
C ALA E 114 41.62 -5.18 -4.97
N PRO E 115 41.73 -4.05 -4.30
CA PRO E 115 42.33 -2.86 -4.92
C PRO E 115 43.85 -2.92 -4.91
N SER E 116 44.44 -2.26 -5.91
CA SER E 116 45.85 -1.94 -5.85
C SER E 116 46.04 -0.81 -4.85
N VAL E 117 46.98 -1.00 -3.92
CA VAL E 117 47.19 -0.05 -2.83
C VAL E 117 48.57 0.57 -3.02
N PHE E 118 48.60 1.88 -3.29
CA PHE E 118 49.82 2.60 -3.59
C PHE E 118 49.98 3.78 -2.64
N ILE E 119 51.23 4.13 -2.36
CA ILE E 119 51.57 5.26 -1.50
C ILE E 119 52.41 6.24 -2.31
N PHE E 120 52.03 7.52 -2.24
CA PHE E 120 52.67 8.56 -3.03
C PHE E 120 53.21 9.64 -2.10
N PRO E 121 54.51 9.91 -2.14
CA PRO E 121 55.14 10.76 -1.14
C PRO E 121 54.88 12.23 -1.44
N PRO E 122 55.30 13.13 -0.55
CA PRO E 122 55.32 14.56 -0.89
C PRO E 122 56.56 14.89 -1.70
N SER E 123 56.37 15.17 -2.99
CA SER E 123 57.48 15.39 -3.90
C SER E 123 58.25 16.64 -3.53
N ASP E 124 59.53 16.68 -3.89
CA ASP E 124 60.38 17.77 -3.43
C ASP E 124 59.87 19.11 -3.93
N GLU E 125 59.39 19.15 -5.18
CA GLU E 125 58.91 20.41 -5.76
C GLU E 125 57.79 21.02 -4.92
N GLN E 126 56.79 20.21 -4.54
CA GLN E 126 55.73 20.76 -3.68
C GLN E 126 56.22 20.97 -2.26
N LEU E 127 57.26 20.24 -1.84
CA LEU E 127 57.80 20.40 -0.50
C LEU E 127 58.56 21.71 -0.34
N LYS E 128 59.07 22.28 -1.42
CA LYS E 128 59.94 23.45 -1.35
C LYS E 128 59.25 24.70 -0.81
N SER E 129 57.91 24.71 -0.72
CA SER E 129 57.17 25.85 -0.19
C SER E 129 56.41 25.50 1.09
N GLY E 130 56.79 24.42 1.77
CA GLY E 130 56.20 24.10 3.05
C GLY E 130 54.79 23.53 3.01
N THR E 131 54.39 22.93 1.89
CA THR E 131 53.04 22.40 1.72
C THR E 131 53.16 20.99 1.17
N ALA E 132 53.01 19.99 2.04
CA ALA E 132 53.27 18.60 1.69
C ALA E 132 51.99 17.80 1.68
N SER E 133 51.73 17.13 0.57
CA SER E 133 50.57 16.26 0.41
C SER E 133 51.05 14.83 0.24
N VAL E 134 50.49 13.92 1.03
CA VAL E 134 50.83 12.50 0.98
C VAL E 134 49.56 11.73 0.64
N VAL E 135 49.67 10.74 -0.24
CA VAL E 135 48.51 10.13 -0.86
C VAL E 135 48.52 8.62 -0.67
N CYS E 136 47.37 8.06 -0.33
CA CYS E 136 47.12 6.63 -0.30
C CYS E 136 46.04 6.32 -1.32
N LEU E 137 46.37 5.56 -2.36
CA LEU E 137 45.48 5.32 -3.49
C LEU E 137 45.04 3.87 -3.50
N LEU E 138 43.73 3.66 -3.52
CA LEU E 138 43.10 2.35 -3.67
C LEU E 138 42.45 2.28 -5.04
N ASN E 139 42.80 1.27 -5.82
CA ASN E 139 42.37 1.17 -7.21
C ASN E 139 41.54 -0.09 -7.42
N ASN E 140 40.35 0.09 -7.99
CA ASN E 140 39.48 -1.00 -8.45
C ASN E 140 39.11 -1.95 -7.30
N PHE E 141 38.34 -1.40 -6.35
CA PHE E 141 37.82 -2.16 -5.23
C PHE E 141 36.30 -2.13 -5.24
N TYR E 142 35.71 -3.29 -4.97
CA TYR E 142 34.26 -3.44 -4.82
C TYR E 142 34.06 -4.33 -3.59
N PRO E 143 33.08 -4.04 -2.74
CA PRO E 143 32.11 -2.92 -2.77
C PRO E 143 32.70 -1.59 -2.31
N ARG E 144 31.82 -0.59 -2.16
CA ARG E 144 32.26 0.76 -1.85
C ARG E 144 32.87 0.86 -0.46
N GLU E 145 32.41 0.05 0.49
CA GLU E 145 32.91 0.14 1.86
C GLU E 145 34.38 -0.20 1.93
N ALA E 146 35.15 0.66 2.60
CA ALA E 146 36.57 0.44 2.83
C ALA E 146 37.01 1.30 4.01
N LYS E 147 38.11 0.92 4.62
CA LYS E 147 38.66 1.64 5.76
C LYS E 147 40.12 1.96 5.48
N VAL E 148 40.51 3.21 5.72
CA VAL E 148 41.86 3.69 5.50
C VAL E 148 42.34 4.41 6.75
N GLN E 149 43.54 4.09 7.21
CA GLN E 149 44.12 4.72 8.39
C GLN E 149 45.57 5.09 8.10
N TRP E 150 46.06 6.11 8.79
CA TRP E 150 47.38 6.66 8.53
C TRP E 150 48.32 6.41 9.71
N LYS E 151 49.55 6.01 9.41
CA LYS E 151 50.52 5.50 10.35
C LYS E 151 51.82 6.28 10.22
N VAL E 152 52.40 6.67 11.34
CA VAL E 152 53.72 7.29 11.33
C VAL E 152 54.53 6.75 12.50
N ASP E 153 55.43 5.81 12.23
CA ASP E 153 56.26 5.18 13.26
C ASP E 153 55.38 4.60 14.37
N ASN E 154 54.38 3.84 13.96
CA ASN E 154 53.35 3.20 14.79
C ASN E 154 52.39 4.21 15.39
N ALA E 155 52.62 5.51 15.20
CA ALA E 155 51.67 6.53 15.63
C ALA E 155 50.47 6.58 14.69
N LEU E 156 49.37 7.11 15.20
CA LEU E 156 48.12 7.18 14.44
C LEU E 156 47.87 8.62 14.02
N GLN E 157 47.65 8.84 12.73
CA GLN E 157 47.41 10.16 12.18
C GLN E 157 45.93 10.29 11.86
N SER E 158 45.24 11.17 12.58
CA SER E 158 43.79 11.30 12.45
C SER E 158 43.40 12.77 12.48
N GLY E 159 42.23 13.06 11.93
CA GLY E 159 41.62 14.37 12.01
C GLY E 159 41.97 15.33 10.89
N ASN E 160 42.81 14.93 9.94
CA ASN E 160 43.17 15.83 8.84
C ASN E 160 43.24 15.12 7.49
N SER E 161 42.53 14.00 7.32
CA SER E 161 42.55 13.25 6.08
C SER E 161 41.35 13.63 5.21
N GLN E 162 41.55 13.59 3.89
CA GLN E 162 40.50 13.87 2.93
C GLN E 162 40.29 12.67 2.03
N GLU E 163 39.03 12.31 1.82
CA GLU E 163 38.64 11.12 1.06
C GLU E 163 37.97 11.53 -0.23
N SER E 164 38.45 11.00 -1.35
CA SER E 164 37.85 11.23 -2.66
C SER E 164 37.56 9.89 -3.31
N VAL E 165 36.29 9.63 -3.60
CA VAL E 165 35.83 8.34 -4.12
C VAL E 165 35.13 8.57 -5.44
N THR E 166 35.42 7.72 -6.42
CA THR E 166 34.74 7.75 -7.71
C THR E 166 33.53 6.83 -7.69
N GLU E 167 32.49 7.25 -8.42
CA GLU E 167 31.29 6.42 -8.56
C GLU E 167 31.58 5.27 -9.51
N GLN E 168 30.68 4.28 -9.50
CA GLN E 168 30.90 3.04 -10.22
C GLN E 168 31.10 3.28 -11.71
N ASP E 169 32.13 2.66 -12.27
CA ASP E 169 32.42 2.81 -13.68
C ASP E 169 31.46 1.97 -14.51
N SER E 170 31.33 2.35 -15.79
CA SER E 170 30.48 1.62 -16.71
C SER E 170 31.19 0.43 -17.36
N LYS E 171 32.48 0.26 -17.10
CA LYS E 171 33.27 -0.83 -17.68
C LYS E 171 33.41 -2.01 -16.72
N ASP E 172 33.93 -1.76 -15.52
CA ASP E 172 34.16 -2.80 -14.54
C ASP E 172 33.28 -2.68 -13.30
N SER E 173 32.54 -1.58 -13.13
CA SER E 173 31.62 -1.39 -12.00
C SER E 173 32.33 -1.47 -10.64
N THR E 174 33.58 -1.04 -10.59
CA THR E 174 34.33 -1.00 -9.34
C THR E 174 34.39 0.43 -8.83
N TYR E 175 35.17 0.65 -7.77
CA TYR E 175 35.37 1.96 -7.18
C TYR E 175 36.86 2.30 -7.14
N SER E 176 37.13 3.58 -6.96
CA SER E 176 38.49 4.08 -6.74
C SER E 176 38.47 5.06 -5.59
N LEU E 177 39.57 5.13 -4.85
CA LEU E 177 39.61 5.94 -3.65
C LEU E 177 40.99 6.56 -3.49
N SER E 178 41.00 7.79 -2.97
CA SER E 178 42.23 8.49 -2.66
C SER E 178 42.10 9.17 -1.31
N SER E 179 43.04 8.88 -0.42
CA SER E 179 43.11 9.51 0.90
C SER E 179 44.33 10.41 0.94
N THR E 180 44.12 11.67 1.32
CA THR E 180 45.17 12.67 1.24
C THR E 180 45.37 13.33 2.59
N LEU E 181 46.64 13.41 3.02
CA LEU E 181 47.02 14.22 4.18
C LEU E 181 47.78 15.45 3.69
N THR E 182 47.37 16.62 4.18
CA THR E 182 48.07 17.87 3.93
C THR E 182 48.69 18.38 5.22
N LEU E 183 49.99 18.65 5.17
CA LEU E 183 50.72 19.08 6.36
C LEU E 183 51.71 20.16 5.96
N SER E 184 52.07 21.01 6.91
CA SER E 184 53.10 22.01 6.65
C SER E 184 54.47 21.34 6.71
N LYS E 185 55.52 22.11 6.41
CA LYS E 185 56.83 21.50 6.17
C LYS E 185 57.30 20.71 7.38
N ALA E 186 57.42 21.37 8.53
CA ALA E 186 57.95 20.66 9.70
C ALA E 186 56.94 19.70 10.32
N ASP E 187 55.68 19.75 9.91
CA ASP E 187 54.71 18.75 10.36
C ASP E 187 54.89 17.41 9.66
N TYR E 188 55.86 17.31 8.77
CA TYR E 188 56.29 16.10 8.08
C TYR E 188 57.79 15.91 8.14
N GLU E 189 58.56 17.01 8.17
CA GLU E 189 60.01 16.94 8.00
C GLU E 189 60.69 16.22 9.15
N LYS E 190 60.19 16.41 10.36
CA LYS E 190 60.78 15.80 11.54
C LYS E 190 60.57 14.29 11.56
N HIS E 191 59.37 13.83 11.18
CA HIS E 191 59.02 12.43 11.32
C HIS E 191 59.71 11.59 10.25
N LYS E 192 59.62 10.27 10.39
CA LYS E 192 60.54 9.36 9.73
C LYS E 192 59.88 8.47 8.68
N VAL E 193 58.88 7.67 9.04
CA VAL E 193 58.29 6.67 8.14
C VAL E 193 56.79 6.88 8.10
N TYR E 194 56.21 6.79 6.90
CA TYR E 194 54.79 7.06 6.69
C TYR E 194 54.14 5.87 6.01
N ALA E 195 53.05 5.37 6.60
CA ALA E 195 52.38 4.18 6.12
C ALA E 195 50.88 4.41 6.06
N CYS E 196 50.22 3.61 5.24
CA CYS E 196 48.77 3.61 5.11
C CYS E 196 48.26 2.19 5.25
N GLU E 197 47.29 2.01 6.14
CA GLU E 197 46.67 0.72 6.40
C GLU E 197 45.28 0.71 5.79
N VAL E 198 44.95 -0.37 5.08
CA VAL E 198 43.71 -0.47 4.33
C VAL E 198 42.99 -1.75 4.72
N THR E 199 41.66 -1.68 4.78
CA THR E 199 40.81 -2.80 5.14
C THR E 199 39.61 -2.84 4.19
N HIS E 200 39.41 -3.97 3.54
CA HIS E 200 38.34 -4.13 2.58
C HIS E 200 37.71 -5.52 2.73
N GLN E 201 36.43 -5.62 2.35
CA GLN E 201 35.74 -6.90 2.45
C GLN E 201 36.40 -7.96 1.58
N GLY E 202 36.84 -7.58 0.38
CA GLY E 202 37.50 -8.50 -0.51
C GLY E 202 38.89 -8.92 -0.09
N LEU E 203 39.41 -8.35 0.99
CA LEU E 203 40.73 -8.68 1.51
C LEU E 203 40.59 -9.42 2.83
N SER E 204 41.32 -10.53 2.96
CA SER E 204 41.24 -11.33 4.19
C SER E 204 41.76 -10.56 5.38
N SER E 205 42.87 -9.84 5.22
CA SER E 205 43.52 -9.13 6.31
C SER E 205 43.87 -7.71 5.84
N PRO E 206 43.88 -6.75 6.76
CA PRO E 206 44.31 -5.40 6.39
C PRO E 206 45.75 -5.39 5.89
N VAL E 207 46.03 -4.46 4.97
CA VAL E 207 47.33 -4.38 4.33
C VAL E 207 47.97 -3.04 4.67
N THR E 208 49.26 -3.08 5.01
CA THR E 208 50.02 -1.88 5.34
C THR E 208 51.03 -1.59 4.23
N LYS E 209 51.02 -0.36 3.73
CA LYS E 209 51.97 0.09 2.72
C LYS E 209 52.77 1.25 3.30
N SER E 210 54.08 1.05 3.45
CA SER E 210 54.93 1.96 4.19
C SER E 210 56.06 2.47 3.30
N PHE E 211 56.41 3.74 3.46
CA PHE E 211 57.55 4.30 2.76
C PHE E 211 58.36 5.17 3.71
N ASN E 212 59.66 5.22 3.45
CA ASN E 212 60.62 5.96 4.26
C ASN E 212 60.83 7.36 3.68
N ARG E 213 60.69 8.37 4.54
CA ARG E 213 61.13 9.72 4.18
C ARG E 213 62.61 9.70 3.79
N GLY E 214 63.44 9.03 4.59
CA GLY E 214 64.87 9.06 4.36
C GLY E 214 65.29 8.39 3.06
N GLU E 215 64.68 7.24 2.74
CA GLU E 215 65.08 6.51 1.54
C GLU E 215 64.64 7.22 0.27
N CYS E 216 63.41 7.75 0.26
CA CYS E 216 62.90 8.46 -0.90
C CYS E 216 61.65 9.26 -0.56
C1 NAG F . -29.32 18.11 16.86
C2 NAG F . -29.87 18.51 18.23
C3 NAG F . -29.96 17.29 19.15
C4 NAG F . -30.74 16.18 18.48
C5 NAG F . -30.17 15.88 17.09
C6 NAG F . -30.99 14.87 16.32
C7 NAG F . -29.56 20.45 19.70
C8 NAG F . -28.58 21.45 20.23
N2 NAG F . -29.07 19.55 18.84
O3 NAG F . -30.57 17.65 20.37
O4 NAG F . -30.70 14.99 19.27
O5 NAG F . -30.13 17.07 16.30
O6 NAG F . -32.01 15.50 15.57
O7 NAG F . -30.73 20.44 20.04
#